data_6WIZ
#
_entry.id   6WIZ
#
_cell.length_a   187.378
_cell.length_b   187.378
_cell.length_c   132.533
_cell.angle_alpha   90.000
_cell.angle_beta   90.000
_cell.angle_gamma   120.000
#
_symmetry.space_group_name_H-M   'P 3 2 1'
#
loop_
_entity.id
_entity.type
_entity.pdbx_description
1 polymer 'Hemagglutinin HA1'
2 polymer 'Hemagglutinin HA2'
3 polymer 'Fab 54-1G05 heavy chain'
4 polymer 'Fab 54-1G05 light chain'
5 non-polymer 2-acetamido-2-deoxy-beta-D-glucopyranose
#
loop_
_entity_poly.entity_id
_entity_poly.type
_entity_poly.pdbx_seq_one_letter_code
_entity_poly.pdbx_strand_id
1 'polypeptide(L)'
;GDTICIGYHANNSTDTVDTVLEKNVTVTHSVNLLEDSHNGKLCRLKGIAPLQLGNCSVAGWILGNPECELLISRESWSYI
VEKPNPENGTCYPGHFADYEELREQLSSVSSFERFEIFPKESSWPNHTTTGVSASCSHNGESSFYKNLLWLTGKNGLYPN
LSKSYANNKEKEVLVLWGVHHPPNIGDQRALYHKENAYVSVVSSHYSRKFTPEIAKRPKVRDQEGRINYYWTLLEPGDTI
IFEANGNLIAPRYAFALSRGFGSGIINSNAPMDECDAKCQTPQGAINSSLPFQNVHPVTIGECPKYVRSAKLRMVTGLRN
IPSIQSR
;
A
2 'polypeptide(L)'
;GLFGAIAGFIEGGWTGMVDGWYGYHHQNEQGSGYAADQKSTQNAINGITNKVNSVIEKMNTQFTAVGKEFNKLERRMENL
NKKVDDGFIDIWTYNAELLVLLENERTLDFHDSNVKNLYEKVKSQLKNNAKEIGNGCFEFYHKCNDECMESVKNGTYDYP
KYSEESKLNREKID
;
B
3 'polypeptide(L)'
;QVQLQQSGPRLVKPSQTLSLTCAISGDSVSSSSAVWTWIRQSPSRGLEWLGRTYYRSKWYDDYAVSVQGRITINPDTSKN
QISLQLNSVTPDDTAVYYCARSSINIFGVFVMAMDVWGQGTAVTVSSPSTKGPSVFPLAPSSKSTSGGTAALGCLVKDYF
PEPVTVSWNSGALTSGVHTFPAVLQSSGLYSLSSVVTVPSSSLGTQTYICNVNHKPSNTKVDKRVEPKSC
;
H
4 'polypeptide(L)'
;EIVLTQSPGTLSLSPGERVTLSCRASQTVYNSYLAWYQQKPGQAPTLLIYGTSTRATGVPDRFSGSGSGTVFTLTISRLE
PEDFAVYFCQQYSTSPRALTFGGGTKVEIKRTVAAPSVFIFPPSDEQLKSGTASVVCLLNNFYPREAKVQWKVDNALQSG
NSQESVTEQDSKDSTYSLSSTLTLSKADYEKHKVYACEVTHQGLSSPVTKSFNRGEC
;
L
#
# COMPACT_ATOMS: atom_id res chain seq x y z
N GLY A 1 32.10 -40.26 -1.73
CA GLY A 1 31.51 -39.84 -0.47
C GLY A 1 30.62 -38.60 -0.58
N ASP A 2 29.71 -38.45 0.39
CA ASP A 2 28.79 -37.32 0.38
C ASP A 2 29.54 -36.02 0.62
N THR A 3 29.12 -34.97 -0.08
CA THR A 3 29.75 -33.66 0.01
C THR A 3 28.73 -32.62 0.44
N ILE A 4 29.07 -31.85 1.48
CA ILE A 4 28.32 -30.66 1.85
C ILE A 4 29.25 -29.47 1.67
N CYS A 5 28.66 -28.32 1.35
CA CYS A 5 29.41 -27.14 0.95
C CYS A 5 28.94 -25.92 1.74
N ILE A 6 29.73 -24.86 1.64
CA ILE A 6 29.39 -23.55 2.19
C ILE A 6 29.52 -22.53 1.07
N GLY A 7 28.47 -21.73 0.87
CA GLY A 7 28.48 -20.80 -0.25
C GLY A 7 27.50 -19.66 -0.08
N TYR A 8 27.69 -18.62 -0.89
CA TYR A 8 26.94 -17.38 -0.73
C TYR A 8 26.25 -16.93 -2.01
N HIS A 9 25.75 -15.69 -2.03
CA HIS A 9 24.78 -15.22 -3.00
C HIS A 9 25.44 -14.79 -4.31
N ALA A 10 24.62 -14.72 -5.36
CA ALA A 10 24.98 -14.23 -6.68
C ALA A 10 23.70 -14.08 -7.50
N ASN A 11 23.69 -13.11 -8.43
CA ASN A 11 22.49 -12.83 -9.21
C ASN A 11 22.86 -12.05 -10.47
N ASN A 12 21.83 -11.67 -11.24
CA ASN A 12 21.97 -11.06 -12.56
C ASN A 12 22.35 -9.58 -12.52
N SER A 13 22.73 -9.06 -11.36
CA SER A 13 22.92 -7.62 -11.20
C SER A 13 24.18 -7.14 -11.92
N THR A 14 24.13 -5.89 -12.37
CA THR A 14 25.27 -5.22 -12.98
C THR A 14 25.65 -3.93 -12.25
N ASP A 15 24.99 -3.62 -11.14
CA ASP A 15 25.39 -2.49 -10.31
C ASP A 15 26.82 -2.66 -9.82
N THR A 16 27.54 -1.56 -9.73
CA THR A 16 28.87 -1.56 -9.15
C THR A 16 28.98 -0.42 -8.16
N VAL A 17 29.51 -0.70 -6.98
CA VAL A 17 29.80 0.32 -6.00
C VAL A 17 31.31 0.47 -5.91
N ASP A 18 31.74 1.56 -5.29
CA ASP A 18 33.15 1.83 -5.08
C ASP A 18 33.44 1.78 -3.58
N THR A 19 34.55 1.16 -3.21
CA THR A 19 34.93 0.98 -1.81
C THR A 19 36.22 1.73 -1.53
N VAL A 20 36.73 1.54 -0.30
CA VAL A 20 37.94 2.25 0.10
C VAL A 20 39.14 1.79 -0.71
N LEU A 21 39.19 0.50 -1.08
CA LEU A 21 40.33 -0.07 -1.78
C LEU A 21 40.08 -0.18 -3.28
N GLU A 22 39.05 -0.91 -3.70
CA GLU A 22 38.77 -1.12 -5.12
C GLU A 22 37.46 -0.43 -5.49
N LYS A 23 37.39 -0.01 -6.75
CA LYS A 23 36.19 0.59 -7.31
C LYS A 23 35.47 -0.40 -8.23
N ASN A 24 34.30 0.02 -8.73
CA ASN A 24 33.46 -0.79 -9.62
C ASN A 24 33.36 -2.23 -9.13
N VAL A 25 33.10 -2.38 -7.83
CA VAL A 25 32.94 -3.69 -7.23
C VAL A 25 31.48 -4.11 -7.42
N THR A 26 31.25 -4.97 -8.40
CA THR A 26 29.89 -5.39 -8.72
C THR A 26 29.24 -6.07 -7.52
N VAL A 27 28.08 -5.57 -7.12
CA VAL A 27 27.40 -6.08 -5.93
C VAL A 27 26.04 -6.66 -6.33
N THR A 28 25.56 -7.63 -5.53
CA THR A 28 24.30 -8.29 -5.87
C THR A 28 23.13 -7.32 -5.77
N HIS A 29 23.07 -6.56 -4.68
CA HIS A 29 22.10 -5.48 -4.57
C HIS A 29 22.71 -4.35 -3.76
N SER A 30 22.30 -3.14 -4.11
CA SER A 30 22.78 -1.93 -3.47
C SER A 30 21.61 -1.00 -3.25
N VAL A 31 21.85 0.07 -2.51
CA VAL A 31 20.86 1.11 -2.25
C VAL A 31 21.52 2.46 -2.42
N ASN A 32 20.74 3.46 -2.79
CA ASN A 32 21.26 4.80 -3.07
C ASN A 32 20.76 5.77 -2.02
N LEU A 33 21.68 6.53 -1.43
CA LEU A 33 21.34 7.54 -0.43
C LEU A 33 20.96 8.88 -1.04
N LEU A 34 21.24 9.08 -2.32
CA LEU A 34 21.13 10.39 -2.95
C LEU A 34 19.81 10.50 -3.70
N GLU A 35 19.12 11.62 -3.52
CA GLU A 35 17.88 11.91 -4.23
C GLU A 35 18.21 12.81 -5.41
N ASP A 36 17.88 12.34 -6.61
CA ASP A 36 18.30 12.97 -7.85
C ASP A 36 17.17 13.57 -8.68
N SER A 37 15.92 13.31 -8.31
CA SER A 37 14.79 13.70 -9.13
C SER A 37 13.85 14.63 -8.37
N HIS A 38 13.07 15.37 -9.15
CA HIS A 38 11.98 16.19 -8.66
C HIS A 38 10.72 15.83 -9.42
N ASN A 39 9.67 16.64 -9.30
CA ASN A 39 8.43 16.41 -10.03
C ASN A 39 8.06 17.54 -10.97
N GLY A 40 8.85 18.62 -11.01
CA GLY A 40 8.60 19.73 -11.91
C GLY A 40 7.48 20.66 -11.50
N LYS A 41 6.71 20.31 -10.47
CA LYS A 41 5.59 21.13 -10.02
C LYS A 41 5.74 21.43 -8.54
N LEU A 42 5.38 22.64 -8.15
CA LEU A 42 5.44 23.03 -6.75
C LEU A 42 4.37 22.29 -5.95
N CYS A 43 4.57 22.25 -4.62
CA CYS A 43 3.65 21.53 -3.75
C CYS A 43 3.33 22.39 -2.53
N ARG A 44 2.59 21.81 -1.59
CA ARG A 44 2.22 22.49 -0.35
C ARG A 44 3.30 22.24 0.69
N LEU A 45 4.32 23.08 0.69
CA LEU A 45 5.35 22.97 1.71
C LEU A 45 4.76 23.33 3.07
N LYS A 46 5.15 22.56 4.10
CA LYS A 46 4.69 22.70 5.48
C LYS A 46 3.22 22.29 5.64
N GLY A 47 2.53 21.95 4.55
CA GLY A 47 1.13 21.60 4.58
C GLY A 47 0.22 22.64 3.95
N ILE A 48 0.57 23.92 4.08
CA ILE A 48 -0.26 24.99 3.55
C ILE A 48 0.35 25.50 2.24
N ALA A 49 -0.49 26.07 1.41
CA ALA A 49 -0.10 26.42 0.07
C ALA A 49 0.88 27.59 0.07
N PRO A 50 1.59 27.78 -1.04
CA PRO A 50 2.41 28.97 -1.21
C PRO A 50 1.67 30.05 -1.99
N LEU A 51 2.27 31.24 -2.01
CA LEU A 51 1.70 32.38 -2.71
C LEU A 51 2.31 32.45 -4.10
N GLN A 52 1.48 32.26 -5.13
CA GLN A 52 1.93 32.28 -6.52
C GLN A 52 1.65 33.66 -7.08
N LEU A 53 2.72 34.37 -7.45
CA LEU A 53 2.57 35.73 -7.99
C LEU A 53 2.38 35.75 -9.50
N GLY A 54 3.14 34.94 -10.23
CA GLY A 54 2.97 34.90 -11.68
C GLY A 54 3.63 36.11 -12.34
N ASN A 55 2.84 36.82 -13.15
CA ASN A 55 3.40 37.92 -13.93
C ASN A 55 3.90 39.06 -13.05
N CYS A 56 3.29 39.24 -11.87
CA CYS A 56 3.68 40.32 -10.98
C CYS A 56 4.73 39.85 -9.98
N SER A 57 5.46 40.81 -9.41
CA SER A 57 6.50 40.53 -8.43
C SER A 57 5.97 40.84 -7.03
N VAL A 58 6.85 40.77 -6.03
CA VAL A 58 6.46 41.11 -4.66
C VAL A 58 6.12 42.58 -4.54
N ALA A 59 6.82 43.45 -5.28
CA ALA A 59 6.60 44.89 -5.18
C ALA A 59 5.17 45.25 -5.57
N GLY A 60 4.81 45.03 -6.83
CA GLY A 60 3.47 45.38 -7.28
C GLY A 60 2.39 44.61 -6.56
N TRP A 61 2.70 43.41 -6.05
CA TRP A 61 1.74 42.65 -5.27
C TRP A 61 1.35 43.40 -4.01
N ILE A 62 2.34 43.91 -3.27
CA ILE A 62 2.01 44.69 -2.10
C ILE A 62 1.58 46.10 -2.49
N LEU A 63 2.06 46.60 -3.62
CA LEU A 63 1.64 47.91 -4.11
C LEU A 63 0.29 47.86 -4.82
N GLY A 64 -0.24 46.67 -5.10
CA GLY A 64 -1.53 46.55 -5.74
C GLY A 64 -1.57 47.19 -7.11
N ASN A 65 -0.77 46.69 -8.03
CA ASN A 65 -0.71 47.25 -9.37
C ASN A 65 -2.04 47.05 -10.08
N PRO A 66 -2.46 48.01 -10.91
CA PRO A 66 -3.76 47.87 -11.60
C PRO A 66 -3.86 46.65 -12.52
N GLU A 67 -2.74 46.03 -12.88
CA GLU A 67 -2.74 44.82 -13.69
C GLU A 67 -2.51 43.55 -12.85
N CYS A 68 -2.57 43.67 -11.53
CA CYS A 68 -2.53 42.52 -10.63
C CYS A 68 -3.79 42.47 -9.77
N GLU A 69 -4.95 42.74 -10.40
CA GLU A 69 -6.24 42.60 -9.71
C GLU A 69 -6.65 41.14 -9.58
N LEU A 70 -5.81 40.21 -10.03
CA LEU A 70 -6.12 38.79 -10.05
C LEU A 70 -5.50 38.02 -8.89
N LEU A 71 -4.62 38.65 -8.09
CA LEU A 71 -3.91 37.93 -7.04
C LEU A 71 -3.85 38.69 -5.72
N ILE A 72 -4.76 39.63 -5.47
CA ILE A 72 -5.00 40.12 -4.11
C ILE A 72 -6.02 39.16 -3.53
N SER A 73 -5.54 37.95 -3.19
CA SER A 73 -6.41 36.81 -2.95
C SER A 73 -6.17 36.12 -1.62
N ARG A 74 -4.91 35.80 -1.34
CA ARG A 74 -4.57 34.75 -0.39
C ARG A 74 -4.30 35.29 1.00
N GLU A 75 -4.81 34.57 2.01
CA GLU A 75 -4.79 35.00 3.41
C GLU A 75 -4.02 34.04 4.31
N SER A 76 -3.12 33.24 3.73
CA SER A 76 -2.23 32.31 4.43
C SER A 76 -1.29 31.70 3.40
N TRP A 77 0.00 31.66 3.71
CA TRP A 77 0.97 31.13 2.77
C TRP A 77 2.26 30.77 3.50
N SER A 78 2.95 29.75 2.98
CA SER A 78 4.21 29.29 3.55
C SER A 78 5.43 29.76 2.79
N TYR A 79 5.30 30.12 1.51
CA TYR A 79 6.39 30.73 0.75
C TYR A 79 5.82 31.41 -0.49
N ILE A 80 6.66 32.23 -1.11
CA ILE A 80 6.29 33.04 -2.26
C ILE A 80 7.06 32.57 -3.47
N VAL A 81 6.38 32.52 -4.62
CA VAL A 81 7.00 32.21 -5.90
C VAL A 81 6.81 33.39 -6.83
N GLU A 82 7.75 33.55 -7.76
CA GLU A 82 7.66 34.60 -8.76
C GLU A 82 8.54 34.19 -9.93
N LYS A 83 8.20 34.73 -11.10
CA LYS A 83 8.97 34.41 -12.30
C LYS A 83 10.40 34.95 -12.18
N PRO A 84 11.36 34.31 -12.87
CA PRO A 84 12.74 34.82 -12.83
C PRO A 84 12.89 36.23 -13.39
N ASN A 85 12.03 36.64 -14.33
CA ASN A 85 12.05 37.99 -14.89
C ASN A 85 10.67 38.61 -14.73
N PRO A 86 10.38 39.19 -13.57
CA PRO A 86 9.05 39.79 -13.36
C PRO A 86 8.79 40.93 -14.32
N GLU A 87 7.60 40.90 -14.93
CA GLU A 87 7.21 41.84 -15.97
C GLU A 87 6.45 43.05 -15.45
N ASN A 88 5.54 42.84 -14.50
CA ASN A 88 4.69 43.91 -13.97
C ASN A 88 5.10 44.17 -12.52
N GLY A 89 5.88 45.23 -12.31
CA GLY A 89 6.32 45.59 -10.97
C GLY A 89 5.86 46.97 -10.54
N THR A 90 6.82 47.84 -10.20
CA THR A 90 6.52 49.22 -9.83
C THR A 90 6.38 50.04 -11.10
N CYS A 91 5.14 50.13 -11.62
CA CYS A 91 4.91 50.77 -12.91
C CYS A 91 5.50 52.16 -12.97
N TYR A 92 5.53 52.86 -11.84
CA TYR A 92 6.16 54.17 -11.79
C TYR A 92 7.56 54.04 -11.22
N PRO A 93 8.59 54.47 -11.93
CA PRO A 93 9.95 54.41 -11.38
C PRO A 93 10.09 55.16 -10.06
N GLY A 94 11.10 54.78 -9.31
CA GLY A 94 11.31 55.27 -7.96
C GLY A 94 12.01 54.20 -7.13
N HIS A 95 12.49 54.61 -5.95
CA HIS A 95 13.22 53.72 -5.08
C HIS A 95 12.29 53.16 -4.01
N PHE A 96 12.17 51.83 -3.97
CA PHE A 96 11.44 51.16 -2.90
C PHE A 96 12.36 50.96 -1.71
N ALA A 97 12.02 51.59 -0.59
CA ALA A 97 12.88 51.57 0.58
C ALA A 97 12.92 50.18 1.21
N ASP A 98 14.13 49.69 1.48
CA ASP A 98 14.35 48.42 2.18
C ASP A 98 13.62 47.27 1.49
N TYR A 99 13.82 47.18 0.17
CA TYR A 99 13.07 46.21 -0.62
C TYR A 99 13.53 44.79 -0.32
N GLU A 100 14.82 44.50 -0.55
CA GLU A 100 15.34 43.18 -0.24
C GLU A 100 15.02 42.77 1.19
N GLU A 101 15.07 43.74 2.11
CA GLU A 101 14.79 43.44 3.52
C GLU A 101 13.34 43.09 3.79
N LEU A 102 12.43 43.29 2.82
CA LEU A 102 11.04 42.95 3.03
C LEU A 102 10.64 41.63 2.41
N ARG A 103 11.38 41.16 1.40
CA ARG A 103 11.10 39.86 0.79
C ARG A 103 11.33 38.72 1.78
N GLU A 104 12.24 38.91 2.73
CA GLU A 104 12.38 37.98 3.84
C GLU A 104 11.32 38.21 4.91
N GLN A 105 10.75 39.42 4.98
CA GLN A 105 9.69 39.69 5.95
C GLN A 105 8.39 39.03 5.53
N LEU A 106 7.87 39.41 4.35
CA LEU A 106 6.65 38.80 3.83
C LEU A 106 6.90 37.39 3.30
N SER A 107 8.12 36.88 3.48
CA SER A 107 8.45 35.56 2.97
C SER A 107 7.43 34.51 3.40
N SER A 108 6.99 34.58 4.65
CA SER A 108 6.04 33.61 5.19
C SER A 108 5.09 34.30 6.15
N VAL A 109 3.78 34.03 5.99
CA VAL A 109 2.73 34.64 6.79
C VAL A 109 1.64 33.60 7.02
N SER A 110 1.19 33.48 8.27
CA SER A 110 0.13 32.53 8.60
C SER A 110 -1.28 33.11 8.43
N SER A 111 -1.51 34.34 8.92
CA SER A 111 -2.79 35.03 8.77
C SER A 111 -2.54 36.44 8.28
N PHE A 112 -3.41 36.93 7.38
CA PHE A 112 -3.11 38.13 6.60
C PHE A 112 -4.40 38.67 5.99
N GLU A 113 -4.73 39.93 6.29
CA GLU A 113 -5.95 40.56 5.78
C GLU A 113 -5.64 41.94 5.24
N ARG A 114 -6.46 42.38 4.28
CA ARG A 114 -6.31 43.66 3.61
C ARG A 114 -7.47 44.57 3.98
N PHE A 115 -7.15 45.72 4.58
CA PHE A 115 -8.16 46.67 5.02
C PHE A 115 -7.74 48.09 4.68
N GLU A 116 -8.74 48.95 4.53
CA GLU A 116 -8.56 50.33 4.04
C GLU A 116 -8.24 51.23 5.23
N ILE A 117 -6.97 51.63 5.36
CA ILE A 117 -6.54 52.35 6.55
C ILE A 117 -6.93 53.83 6.47
N PHE A 118 -6.89 54.41 5.28
CA PHE A 118 -7.30 55.80 5.05
C PHE A 118 -8.35 55.82 3.95
N PRO A 119 -9.64 55.84 4.31
CA PRO A 119 -10.68 55.77 3.28
C PRO A 119 -10.46 56.81 2.19
N LYS A 120 -10.69 56.39 0.93
CA LYS A 120 -10.43 57.27 -0.20
C LYS A 120 -11.39 58.44 -0.24
N GLU A 121 -12.59 58.29 0.33
CA GLU A 121 -13.62 59.31 0.21
C GLU A 121 -13.58 60.34 1.34
N SER A 122 -13.14 59.95 2.54
CA SER A 122 -13.25 60.83 3.70
C SER A 122 -11.92 61.28 4.28
N SER A 123 -10.83 60.54 4.05
CA SER A 123 -9.54 60.94 4.62
C SER A 123 -9.05 62.27 4.04
N TRP A 124 -9.43 62.58 2.80
CA TRP A 124 -8.93 63.75 2.09
C TRP A 124 -10.10 64.54 1.53
N PRO A 125 -10.78 65.34 2.38
CA PRO A 125 -11.86 66.19 1.87
C PRO A 125 -11.34 67.35 1.03
N ASN A 126 -10.28 68.02 1.52
CA ASN A 126 -9.71 69.20 0.88
C ASN A 126 -8.58 68.84 -0.09
N HIS A 127 -8.59 67.65 -0.67
CA HIS A 127 -7.53 67.20 -1.58
C HIS A 127 -8.14 66.57 -2.82
N THR A 128 -7.26 66.12 -3.73
CA THR A 128 -7.65 65.43 -4.94
C THR A 128 -7.05 64.03 -4.93
N THR A 129 -7.89 63.01 -4.97
CA THR A 129 -7.44 61.62 -4.97
C THR A 129 -7.68 60.93 -6.30
N THR A 130 -8.02 61.68 -7.35
CA THR A 130 -8.26 61.12 -8.66
C THR A 130 -7.00 61.12 -9.53
N GLY A 131 -5.84 61.29 -8.91
CA GLY A 131 -4.59 61.31 -9.68
C GLY A 131 -4.30 59.93 -10.25
N VAL A 132 -3.92 59.90 -11.52
CA VAL A 132 -3.59 58.66 -12.21
C VAL A 132 -2.35 58.87 -13.07
N SER A 133 -1.59 57.80 -13.25
CA SER A 133 -0.37 57.81 -14.05
C SER A 133 -0.60 57.11 -15.37
N ALA A 134 -0.14 57.73 -16.45
CA ALA A 134 -0.13 57.03 -17.74
C ALA A 134 0.84 55.86 -17.74
N SER A 135 1.83 55.86 -16.84
CA SER A 135 2.73 54.72 -16.73
C SER A 135 2.04 53.50 -16.14
N CYS A 136 1.10 53.72 -15.23
CA CYS A 136 0.39 52.62 -14.58
C CYS A 136 -0.92 52.34 -15.32
N SER A 137 -0.76 51.91 -16.57
CA SER A 137 -1.90 51.65 -17.43
C SER A 137 -2.67 50.41 -16.96
N HIS A 138 -3.92 50.31 -17.41
CA HIS A 138 -4.74 49.15 -17.13
C HIS A 138 -5.78 49.06 -18.24
N ASN A 139 -5.50 48.22 -19.23
CA ASN A 139 -6.41 48.00 -20.36
C ASN A 139 -6.74 49.32 -21.08
N GLY A 140 -5.69 49.94 -21.61
CA GLY A 140 -5.85 51.15 -22.39
C GLY A 140 -6.32 52.37 -21.63
N GLU A 141 -6.20 52.37 -20.31
CA GLU A 141 -6.61 53.49 -19.46
C GLU A 141 -5.53 53.76 -18.43
N SER A 142 -5.25 55.03 -18.19
CA SER A 142 -4.28 55.39 -17.15
C SER A 142 -4.84 55.08 -15.77
N SER A 143 -3.96 54.72 -14.84
CA SER A 143 -4.38 54.35 -13.49
C SER A 143 -3.20 54.47 -12.54
N PHE A 144 -3.36 53.90 -11.35
CA PHE A 144 -2.36 54.01 -10.29
C PHE A 144 -2.60 52.87 -9.30
N TYR A 145 -1.78 52.82 -8.26
CA TYR A 145 -1.77 51.70 -7.33
C TYR A 145 -3.05 51.64 -6.51
N LYS A 146 -3.74 50.49 -6.56
CA LYS A 146 -5.01 50.35 -5.86
C LYS A 146 -4.86 50.57 -4.37
N ASN A 147 -3.70 50.20 -3.80
CA ASN A 147 -3.46 50.31 -2.36
C ASN A 147 -2.90 51.66 -1.95
N LEU A 148 -2.28 52.39 -2.88
CA LEU A 148 -1.80 53.74 -2.60
C LEU A 148 -2.79 54.75 -3.17
N LEU A 149 -2.47 56.03 -2.98
CA LEU A 149 -3.28 57.11 -3.54
C LEU A 149 -2.37 58.28 -3.85
N TRP A 150 -2.61 58.92 -5.00
CA TRP A 150 -1.85 60.10 -5.40
C TRP A 150 -2.66 61.33 -5.01
N LEU A 151 -2.17 62.06 -4.01
CA LEU A 151 -2.85 63.24 -3.48
C LEU A 151 -2.25 64.48 -4.12
N THR A 152 -3.07 65.20 -4.90
CA THR A 152 -2.70 66.46 -5.52
C THR A 152 -3.62 67.56 -5.02
N GLY A 153 -3.23 68.81 -5.28
CA GLY A 153 -3.98 69.93 -4.75
C GLY A 153 -5.35 70.07 -5.37
N LYS A 154 -6.34 70.38 -4.54
CA LYS A 154 -7.69 70.67 -4.98
C LYS A 154 -8.01 72.13 -4.66
N ASN A 155 -8.78 72.76 -5.57
CA ASN A 155 -9.24 74.13 -5.39
C ASN A 155 -8.07 75.11 -5.25
N GLY A 156 -6.90 74.72 -5.77
CA GLY A 156 -5.76 75.61 -5.78
C GLY A 156 -4.99 75.71 -4.49
N LEU A 157 -5.21 74.80 -3.54
CA LEU A 157 -4.46 74.80 -2.30
C LEU A 157 -4.31 73.38 -1.79
N TYR A 158 -3.19 73.12 -1.14
CA TYR A 158 -2.86 71.81 -0.56
C TYR A 158 -2.66 72.01 0.93
N PRO A 159 -3.70 71.80 1.74
CA PRO A 159 -3.59 72.05 3.18
C PRO A 159 -2.62 71.09 3.86
N ASN A 160 -2.10 71.53 5.01
CA ASN A 160 -1.26 70.67 5.84
C ASN A 160 -2.11 69.57 6.44
N LEU A 161 -1.84 68.33 6.05
CA LEU A 161 -2.64 67.20 6.50
C LEU A 161 -2.01 66.53 7.73
N SER A 162 -2.80 65.71 8.40
CA SER A 162 -2.33 64.99 9.58
C SER A 162 -3.27 63.82 9.85
N LYS A 163 -2.77 62.61 9.79
CA LYS A 163 -3.56 61.40 9.99
C LYS A 163 -2.87 60.49 11.00
N SER A 164 -3.62 60.05 12.00
CA SER A 164 -3.11 59.18 13.05
C SER A 164 -3.91 57.88 13.04
N TYR A 165 -3.27 56.81 12.61
CA TYR A 165 -3.85 55.47 12.67
C TYR A 165 -3.33 54.75 13.91
N ALA A 166 -4.24 54.07 14.60
CA ALA A 166 -3.91 53.29 15.78
C ALA A 166 -4.05 51.81 15.46
N ASN A 167 -3.08 51.02 15.92
CA ASN A 167 -3.09 49.57 15.68
C ASN A 167 -3.80 48.89 16.83
N ASN A 168 -5.13 48.87 16.74
CA ASN A 168 -5.96 48.11 17.68
C ASN A 168 -6.20 46.69 17.19
N LYS A 169 -5.68 46.32 16.03
CA LYS A 169 -5.94 45.02 15.47
C LYS A 169 -5.21 43.89 16.21
N GLU A 170 -4.35 44.21 17.17
CA GLU A 170 -3.58 43.25 17.95
C GLU A 170 -2.58 42.46 17.11
N LYS A 171 -2.25 42.94 15.91
CA LYS A 171 -1.26 42.30 15.05
C LYS A 171 -0.44 43.38 14.36
N GLU A 172 0.66 42.97 13.73
CA GLU A 172 1.51 43.92 13.04
C GLU A 172 0.85 44.41 11.76
N VAL A 173 0.79 45.73 11.60
CA VAL A 173 0.18 46.36 10.44
C VAL A 173 1.27 46.84 9.50
N LEU A 174 1.11 46.57 8.20
CA LEU A 174 2.07 46.95 7.18
C LEU A 174 1.48 48.10 6.38
N VAL A 175 1.89 49.33 6.69
CA VAL A 175 1.43 50.53 5.98
C VAL A 175 2.56 50.99 5.07
N LEU A 176 2.25 51.11 3.79
CA LEU A 176 3.20 51.54 2.77
C LEU A 176 2.77 52.88 2.21
N TRP A 177 3.75 53.73 1.91
CA TRP A 177 3.46 55.04 1.35
C TRP A 177 4.56 55.40 0.37
N GLY A 178 4.36 56.51 -0.32
CA GLY A 178 5.32 56.98 -1.30
C GLY A 178 5.67 58.44 -1.10
N VAL A 179 6.75 58.85 -1.75
CA VAL A 179 7.17 60.24 -1.80
C VAL A 179 7.44 60.58 -3.25
N HIS A 180 6.78 61.61 -3.76
CA HIS A 180 6.86 61.97 -5.17
C HIS A 180 7.97 62.97 -5.44
N HIS A 181 8.52 62.91 -6.64
CA HIS A 181 9.58 63.82 -7.09
C HIS A 181 9.28 64.28 -8.52
N PRO A 182 8.77 65.49 -8.70
CA PRO A 182 8.56 66.02 -10.06
C PRO A 182 9.89 66.29 -10.73
N PRO A 183 9.91 66.34 -12.06
CA PRO A 183 11.18 66.58 -12.77
C PRO A 183 11.66 68.02 -12.74
N ASN A 184 10.77 68.99 -12.50
CA ASN A 184 11.16 70.40 -12.53
C ASN A 184 10.26 71.18 -11.59
N ILE A 185 10.64 72.44 -11.34
CA ILE A 185 9.89 73.30 -10.43
C ILE A 185 8.50 73.65 -10.96
N GLY A 186 8.26 73.44 -12.26
CA GLY A 186 6.94 73.73 -12.81
C GLY A 186 5.89 72.73 -12.37
N ASP A 187 6.25 71.44 -12.31
CA ASP A 187 5.30 70.42 -11.89
C ASP A 187 4.99 70.48 -10.39
N GLN A 188 5.86 71.11 -9.61
CA GLN A 188 5.69 71.16 -8.17
C GLN A 188 4.65 72.19 -7.75
N ARG A 189 4.54 73.30 -8.48
CA ARG A 189 3.60 74.35 -8.14
C ARG A 189 2.19 74.11 -8.68
N ALA A 190 2.03 73.19 -9.64
CA ALA A 190 0.73 72.93 -10.22
C ALA A 190 0.05 71.69 -9.64
N LEU A 191 0.79 70.82 -8.97
CA LEU A 191 0.24 69.66 -8.29
C LEU A 191 0.07 69.85 -6.79
N TYR A 192 0.91 70.70 -6.19
CA TYR A 192 0.93 70.86 -4.74
C TYR A 192 0.98 72.32 -4.28
N HIS A 193 1.25 73.28 -5.17
CA HIS A 193 1.16 74.70 -4.86
C HIS A 193 2.19 75.15 -3.82
N LYS A 194 3.34 74.47 -3.75
CA LYS A 194 4.37 74.81 -2.79
C LYS A 194 5.71 74.29 -3.27
N GLU A 195 6.68 75.19 -3.43
CA GLU A 195 8.04 74.80 -3.79
C GLU A 195 8.64 73.92 -2.69
N ASN A 196 8.84 74.49 -1.51
CA ASN A 196 9.42 73.78 -0.40
C ASN A 196 8.40 72.80 0.16
N ALA A 197 8.66 71.51 0.01
CA ALA A 197 7.77 70.48 0.50
C ALA A 197 8.48 69.59 1.50
N TYR A 198 7.71 68.71 2.12
CA TYR A 198 8.19 67.79 3.14
C TYR A 198 7.08 66.79 3.40
N VAL A 199 7.43 65.70 4.06
CA VAL A 199 6.45 64.74 4.56
C VAL A 199 6.93 64.25 5.91
N SER A 200 6.06 64.30 6.90
CA SER A 200 6.36 63.84 8.25
C SER A 200 5.58 62.56 8.50
N VAL A 201 6.27 61.43 8.41
CA VAL A 201 5.71 60.14 8.74
C VAL A 201 6.40 59.70 10.01
N VAL A 202 5.73 59.87 11.15
CA VAL A 202 6.32 59.59 12.45
C VAL A 202 5.37 58.68 13.24
N SER A 203 5.95 57.79 14.03
CA SER A 203 5.22 56.95 14.96
C SER A 203 5.96 56.94 16.29
N SER A 204 5.54 56.06 17.20
CA SER A 204 6.17 56.01 18.51
C SER A 204 7.60 55.49 18.43
N HIS A 205 7.90 54.65 17.45
CA HIS A 205 9.21 54.03 17.34
C HIS A 205 9.72 54.10 15.91
N TYR A 206 9.44 55.21 15.22
CA TYR A 206 9.89 55.43 13.85
C TYR A 206 9.72 56.89 13.50
N SER A 207 10.69 57.44 12.76
CA SER A 207 10.65 58.86 12.40
C SER A 207 11.50 59.07 11.14
N ARG A 208 11.00 59.90 10.23
CA ARG A 208 11.74 60.25 9.03
C ARG A 208 11.10 61.46 8.36
N LYS A 209 11.93 62.34 7.81
CA LYS A 209 11.50 63.58 7.16
C LYS A 209 12.04 63.57 5.74
N PHE A 210 11.14 63.41 4.77
CA PHE A 210 11.54 63.22 3.37
C PHE A 210 11.58 64.59 2.71
N THR A 211 12.78 65.11 2.51
CA THR A 211 12.97 66.37 1.78
C THR A 211 12.91 66.06 0.30
N PRO A 212 11.89 66.54 -0.42
CA PRO A 212 11.74 66.23 -1.85
C PRO A 212 12.82 66.94 -2.66
N GLU A 213 13.61 66.15 -3.39
CA GLU A 213 14.68 66.69 -4.24
C GLU A 213 14.24 66.61 -5.70
N ILE A 214 14.19 67.77 -6.36
CA ILE A 214 13.62 67.90 -7.69
C ILE A 214 14.76 68.00 -8.71
N ALA A 215 14.73 67.14 -9.71
CA ALA A 215 15.76 67.13 -10.73
C ALA A 215 15.25 66.42 -11.98
N LYS A 216 15.77 66.84 -13.12
CA LYS A 216 15.44 66.21 -14.39
C LYS A 216 16.24 64.92 -14.52
N ARG A 217 15.54 63.80 -14.73
CA ARG A 217 16.14 62.48 -14.78
C ARG A 217 15.83 61.82 -16.12
N PRO A 218 16.64 60.85 -16.53
CA PRO A 218 16.37 60.16 -17.79
C PRO A 218 14.98 59.54 -17.81
N LYS A 219 14.49 59.27 -19.01
CA LYS A 219 13.12 58.81 -19.23
C LYS A 219 13.04 57.30 -18.97
N VAL A 220 12.62 56.92 -17.77
CA VAL A 220 12.36 55.53 -17.43
C VAL A 220 10.87 55.31 -17.54
N ARG A 221 10.47 54.48 -18.50
CA ARG A 221 9.07 54.13 -18.73
C ARG A 221 8.24 55.39 -19.03
N ASP A 222 8.76 56.22 -19.94
CA ASP A 222 8.08 57.44 -20.37
C ASP A 222 7.80 58.38 -19.19
N GLN A 223 8.75 58.47 -18.27
CA GLN A 223 8.60 59.32 -17.10
C GLN A 223 9.95 59.90 -16.68
N GLU A 224 9.98 61.21 -16.44
CA GLU A 224 11.13 61.89 -15.83
C GLU A 224 10.93 62.11 -14.35
N GLY A 225 9.84 61.60 -13.78
CA GLY A 225 9.56 61.76 -12.36
C GLY A 225 9.90 60.49 -11.59
N ARG A 226 9.85 60.61 -10.27
CA ARG A 226 10.26 59.53 -9.38
C ARG A 226 9.37 59.48 -8.16
N ILE A 227 8.76 58.31 -7.91
CA ILE A 227 8.01 58.11 -6.68
C ILE A 227 8.77 57.14 -5.78
N ASN A 228 9.56 57.68 -4.87
CA ASN A 228 10.27 56.85 -3.91
C ASN A 228 9.28 56.32 -2.87
N TYR A 229 9.13 55.00 -2.79
CA TYR A 229 8.19 54.37 -1.88
C TYR A 229 8.84 54.10 -0.53
N TYR A 230 7.98 53.93 0.49
CA TYR A 230 8.45 53.57 1.82
C TYR A 230 7.38 52.74 2.51
N TRP A 231 7.82 51.90 3.44
CA TRP A 231 6.94 51.01 4.17
C TRP A 231 7.43 50.91 5.60
N THR A 232 6.50 50.96 6.55
CA THR A 232 6.85 50.72 7.95
C THR A 232 5.83 49.78 8.58
N LEU A 233 6.27 49.08 9.61
CA LEU A 233 5.41 48.23 10.42
C LEU A 233 5.02 48.97 11.70
N LEU A 234 3.73 48.96 12.01
CA LEU A 234 3.21 49.61 13.21
C LEU A 234 2.83 48.53 14.21
N GLU A 235 3.44 48.56 15.39
CA GLU A 235 3.16 47.56 16.41
C GLU A 235 1.86 47.90 17.15
N PRO A 236 1.19 46.91 17.73
CA PRO A 236 -0.02 47.20 18.52
C PRO A 236 0.32 48.06 19.72
N GLY A 237 -0.59 48.97 20.05
CA GLY A 237 -0.33 49.98 21.05
C GLY A 237 0.51 51.14 20.57
N ASP A 238 0.80 51.21 19.27
CA ASP A 238 1.59 52.27 18.68
C ASP A 238 0.75 52.98 17.63
N THR A 239 0.84 54.31 17.61
CA THR A 239 0.11 55.15 16.67
C THR A 239 1.06 55.79 15.69
N ILE A 240 0.81 55.60 14.41
CA ILE A 240 1.60 56.25 13.36
C ILE A 240 0.88 57.53 12.95
N ILE A 241 1.66 58.54 12.57
CA ILE A 241 1.13 59.84 12.18
C ILE A 241 1.72 60.21 10.83
N PHE A 242 0.87 60.51 9.87
CA PHE A 242 1.29 61.05 8.60
C PHE A 242 1.05 62.55 8.61
N GLU A 243 2.07 63.32 8.21
CA GLU A 243 1.94 64.77 8.10
C GLU A 243 2.64 65.22 6.83
N ALA A 244 1.95 66.01 6.01
CA ALA A 244 2.51 66.44 4.75
C ALA A 244 1.81 67.71 4.30
N ASN A 245 2.45 68.40 3.35
CA ASN A 245 1.86 69.54 2.65
C ASN A 245 2.09 69.41 1.15
N GLY A 246 2.22 68.19 0.66
CA GLY A 246 2.40 67.92 -0.74
C GLY A 246 3.25 66.70 -0.97
N ASN A 247 3.19 66.18 -2.19
CA ASN A 247 4.05 65.11 -2.69
C ASN A 247 3.87 63.80 -1.94
N LEU A 248 2.83 63.67 -1.14
CA LEU A 248 2.59 62.46 -0.36
C LEU A 248 1.69 61.51 -1.14
N ILE A 249 2.18 60.30 -1.41
CA ILE A 249 1.37 59.25 -2.02
C ILE A 249 0.70 58.53 -0.86
N ALA A 250 -0.58 58.83 -0.65
CA ALA A 250 -1.25 58.42 0.58
C ALA A 250 -1.46 56.91 0.61
N PRO A 251 -1.30 56.27 1.78
CA PRO A 251 -1.67 54.86 1.89
C PRO A 251 -3.18 54.71 1.91
N ARG A 252 -3.70 53.84 1.04
CA ARG A 252 -5.12 53.51 1.07
C ARG A 252 -5.37 52.13 1.68
N TYR A 253 -4.59 51.12 1.28
CA TYR A 253 -4.81 49.75 1.74
C TYR A 253 -3.62 49.29 2.54
N ALA A 254 -3.83 49.09 3.84
CA ALA A 254 -2.85 48.50 4.72
C ALA A 254 -3.19 47.03 4.96
N PHE A 255 -2.31 46.34 5.67
CA PHE A 255 -2.46 44.91 5.90
C PHE A 255 -2.09 44.59 7.33
N ALA A 256 -2.81 43.64 7.93
CA ALA A 256 -2.50 43.12 9.26
C ALA A 256 -2.06 41.67 9.12
N LEU A 257 -0.86 41.35 9.59
CA LEU A 257 -0.25 40.06 9.33
C LEU A 257 0.31 39.43 10.59
N SER A 258 0.54 38.12 10.50
CA SER A 258 1.17 37.33 11.55
C SER A 258 2.42 36.68 10.99
N ARG A 259 3.51 36.75 11.75
CA ARG A 259 4.85 36.49 11.22
C ARG A 259 5.11 35.00 11.01
N GLY A 260 5.50 34.66 9.79
CA GLY A 260 6.08 33.35 9.54
C GLY A 260 7.58 33.47 9.41
N PHE A 261 8.28 33.14 10.49
CA PHE A 261 9.74 33.18 10.46
C PHE A 261 10.27 31.97 9.70
N GLY A 262 11.42 32.16 9.05
CA GLY A 262 12.09 31.05 8.41
C GLY A 262 11.51 30.62 7.07
N SER A 263 11.59 31.49 6.07
CA SER A 263 11.20 31.14 4.72
C SER A 263 11.95 32.05 3.75
N GLY A 264 11.54 32.01 2.48
CA GLY A 264 12.13 32.86 1.48
C GLY A 264 11.25 33.05 0.26
N ILE A 265 11.87 33.12 -0.92
CA ILE A 265 11.17 33.29 -2.18
C ILE A 265 11.93 32.53 -3.25
N ILE A 266 11.25 31.62 -3.95
CA ILE A 266 11.87 30.80 -4.99
C ILE A 266 11.43 31.32 -6.35
N ASN A 267 12.39 31.76 -7.14
CA ASN A 267 12.12 32.12 -8.53
C ASN A 267 11.89 30.83 -9.32
N SER A 268 10.76 30.76 -10.04
CA SER A 268 10.42 29.53 -10.74
C SER A 268 9.33 29.80 -11.77
N ASN A 269 9.46 29.12 -12.91
CA ASN A 269 8.41 29.06 -13.92
C ASN A 269 7.59 27.79 -13.81
N ALA A 270 7.81 26.99 -12.76
CA ALA A 270 7.22 25.67 -12.68
C ALA A 270 5.71 25.76 -12.43
N PRO A 271 4.94 24.80 -12.95
CA PRO A 271 3.49 24.84 -12.74
C PRO A 271 3.12 24.47 -11.31
N MET A 272 1.87 24.76 -10.96
CA MET A 272 1.34 24.51 -9.63
C MET A 272 0.48 23.26 -9.65
N ASP A 273 0.55 22.49 -8.57
CA ASP A 273 -0.22 21.26 -8.43
C ASP A 273 -0.44 21.00 -6.95
N GLU A 274 -1.41 20.12 -6.66
CA GLU A 274 -1.87 19.90 -5.29
C GLU A 274 -1.11 18.79 -4.58
N CYS A 275 0.15 18.55 -4.94
CA CYS A 275 0.98 17.66 -4.16
C CYS A 275 1.35 18.31 -2.84
N ASP A 276 1.76 17.48 -1.88
CA ASP A 276 2.31 17.94 -0.62
C ASP A 276 3.71 17.35 -0.44
N ALA A 277 4.64 18.19 0.02
CA ALA A 277 6.00 17.74 0.20
C ALA A 277 6.59 18.40 1.45
N LYS A 278 7.72 17.87 1.89
CA LYS A 278 8.49 18.46 2.97
C LYS A 278 9.67 19.27 2.44
N CYS A 279 9.83 19.35 1.12
CA CYS A 279 10.96 20.06 0.54
C CYS A 279 10.50 20.69 -0.76
N GLN A 280 11.16 21.78 -1.15
CA GLN A 280 10.80 22.48 -2.38
C GLN A 280 12.03 23.14 -2.97
N THR A 281 12.26 22.91 -4.26
CA THR A 281 13.41 23.46 -4.97
C THR A 281 12.90 24.27 -6.16
N PRO A 282 13.75 25.05 -6.83
CA PRO A 282 13.29 25.79 -8.01
C PRO A 282 12.97 24.91 -9.23
N GLN A 283 13.24 23.60 -9.17
CA GLN A 283 12.87 22.70 -10.25
C GLN A 283 11.66 21.83 -9.91
N GLY A 284 11.46 21.53 -8.63
CA GLY A 284 10.40 20.65 -8.21
C GLY A 284 10.67 20.15 -6.80
N ALA A 285 9.70 19.39 -6.29
CA ALA A 285 9.74 18.93 -4.92
C ALA A 285 10.75 17.79 -4.75
N ILE A 286 10.82 17.25 -3.53
CA ILE A 286 11.65 16.10 -3.21
C ILE A 286 10.92 15.27 -2.16
N ASN A 287 10.56 14.03 -2.50
CA ASN A 287 9.61 13.29 -1.68
C ASN A 287 10.28 12.39 -0.65
N SER A 288 11.32 11.67 -1.03
CA SER A 288 11.83 10.60 -0.19
C SER A 288 12.51 11.15 1.06
N SER A 289 12.64 10.27 2.06
CA SER A 289 13.32 10.59 3.32
C SER A 289 14.82 10.36 3.23
N LEU A 290 15.38 10.31 2.03
CA LEU A 290 16.82 10.14 1.89
C LEU A 290 17.56 11.32 2.50
N PRO A 291 18.72 11.10 3.07
CA PRO A 291 19.44 12.17 3.79
C PRO A 291 20.30 13.07 2.91
N PHE A 292 20.27 12.92 1.59
CA PHE A 292 21.04 13.77 0.70
C PHE A 292 20.25 13.96 -0.60
N GLN A 293 20.46 15.11 -1.25
CA GLN A 293 19.87 15.39 -2.56
C GLN A 293 20.93 16.02 -3.45
N ASN A 294 20.67 15.97 -4.76
CA ASN A 294 21.48 16.69 -5.73
C ASN A 294 20.62 17.32 -6.82
N VAL A 295 19.36 17.62 -6.51
CA VAL A 295 18.51 18.31 -7.48
C VAL A 295 18.91 19.78 -7.57
N HIS A 296 18.87 20.50 -6.45
CA HIS A 296 19.18 21.92 -6.47
C HIS A 296 19.62 22.35 -5.08
N PRO A 297 20.62 23.20 -4.96
CA PRO A 297 21.02 23.68 -3.63
C PRO A 297 20.00 24.59 -2.97
N VAL A 298 19.16 25.26 -3.76
CA VAL A 298 18.15 26.20 -3.23
C VAL A 298 16.97 25.36 -2.76
N THR A 299 16.90 25.10 -1.45
CA THR A 299 15.84 24.32 -0.85
C THR A 299 15.06 25.20 0.13
N ILE A 300 13.95 24.66 0.61
CA ILE A 300 13.14 25.33 1.63
C ILE A 300 12.27 24.31 2.33
N GLY A 301 12.24 24.35 3.66
CA GLY A 301 11.62 23.30 4.44
C GLY A 301 12.63 22.25 4.85
N GLU A 302 12.14 21.21 5.54
CA GLU A 302 13.01 20.15 6.02
C GLU A 302 13.50 19.34 4.82
N CYS A 303 14.76 19.57 4.43
CA CYS A 303 15.27 19.08 3.17
C CYS A 303 16.54 18.27 3.34
N PRO A 304 16.69 17.18 2.56
CA PRO A 304 18.00 16.52 2.45
C PRO A 304 19.08 17.52 2.05
N LYS A 305 20.07 17.74 2.90
CA LYS A 305 21.07 18.77 2.61
C LYS A 305 21.76 18.49 1.28
N TYR A 306 21.79 19.49 0.41
CA TYR A 306 22.29 19.33 -0.95
C TYR A 306 23.78 18.99 -0.94
N VAL A 307 24.18 18.09 -1.85
CA VAL A 307 25.57 17.65 -1.96
C VAL A 307 25.98 17.58 -3.43
N ARG A 308 27.27 17.80 -3.67
CA ARG A 308 27.82 17.81 -5.03
C ARG A 308 27.81 16.46 -5.70
N SER A 309 27.50 15.39 -4.97
CA SER A 309 27.63 14.05 -5.52
C SER A 309 26.72 13.85 -6.71
N ALA A 310 27.20 13.09 -7.68
CA ALA A 310 26.39 12.65 -8.79
C ALA A 310 25.90 11.22 -8.62
N LYS A 311 26.40 10.51 -7.61
CA LYS A 311 26.09 9.10 -7.38
C LYS A 311 26.54 8.75 -5.98
N LEU A 312 25.64 8.19 -5.18
CA LEU A 312 25.90 7.86 -3.77
C LEU A 312 25.38 6.47 -3.45
N ARG A 313 25.68 5.51 -4.31
CA ARG A 313 25.21 4.14 -4.13
C ARG A 313 26.11 3.42 -3.14
N MET A 314 25.51 2.74 -2.16
CA MET A 314 26.24 1.96 -1.18
C MET A 314 25.75 0.51 -1.18
N VAL A 315 26.65 -0.40 -0.83
CA VAL A 315 26.39 -1.82 -0.95
C VAL A 315 25.49 -2.28 0.18
N THR A 316 24.50 -3.12 -0.17
CA THR A 316 23.70 -3.81 0.81
C THR A 316 23.75 -5.32 0.65
N GLY A 317 24.32 -5.83 -0.44
CA GLY A 317 24.43 -7.26 -0.63
C GLY A 317 25.86 -7.76 -0.60
N LEU A 318 26.22 -8.60 -1.57
CA LEU A 318 27.52 -9.24 -1.65
C LEU A 318 28.17 -8.90 -2.98
N ARG A 319 29.40 -9.37 -3.17
CA ARG A 319 30.06 -9.23 -4.46
C ARG A 319 29.50 -10.26 -5.43
N ASN A 320 29.12 -9.79 -6.63
CA ASN A 320 28.50 -10.67 -7.63
C ASN A 320 29.54 -11.59 -8.25
N ILE A 321 29.71 -12.78 -7.68
CA ILE A 321 30.72 -13.71 -8.16
C ILE A 321 30.11 -15.05 -8.55
N PRO A 322 29.51 -15.20 -9.74
CA PRO A 322 29.03 -16.52 -10.15
C PRO A 322 30.16 -17.51 -10.45
N GLY B 1 38.48 -9.15 0.41
CA GLY B 1 38.30 -10.35 1.19
C GLY B 1 39.13 -10.37 2.46
N LEU B 2 38.70 -9.58 3.44
CA LEU B 2 39.41 -9.53 4.71
C LEU B 2 39.49 -10.90 5.36
N PHE B 3 38.35 -11.46 5.73
CA PHE B 3 38.32 -12.74 6.40
C PHE B 3 38.80 -13.87 5.50
N GLY B 4 38.87 -13.64 4.20
CA GLY B 4 39.44 -14.60 3.27
C GLY B 4 38.48 -15.62 2.70
N ALA B 5 37.17 -15.44 2.89
CA ALA B 5 36.19 -16.36 2.34
C ALA B 5 35.54 -15.80 1.07
N ILE B 6 34.93 -14.62 1.15
CA ILE B 6 34.37 -13.97 -0.02
C ILE B 6 35.50 -13.66 -1.00
N ALA B 7 35.40 -14.21 -2.21
CA ALA B 7 36.49 -14.16 -3.18
C ALA B 7 37.77 -14.73 -2.60
N GLY B 8 37.64 -15.67 -1.67
CA GLY B 8 38.78 -16.35 -1.09
C GLY B 8 38.81 -17.81 -1.48
N PHE B 9 38.87 -18.71 -0.49
CA PHE B 9 38.81 -20.14 -0.83
C PHE B 9 37.42 -20.55 -1.29
N ILE B 10 36.41 -19.69 -1.12
CA ILE B 10 35.12 -19.90 -1.77
C ILE B 10 35.02 -18.91 -2.92
N GLU B 11 35.43 -19.35 -4.10
CA GLU B 11 35.64 -18.48 -5.26
C GLU B 11 34.36 -18.16 -6.02
N GLY B 12 33.20 -18.68 -5.59
CA GLY B 12 32.00 -18.50 -6.39
C GLY B 12 30.74 -18.30 -5.60
N GLY B 13 30.04 -17.20 -5.88
CA GLY B 13 28.72 -16.99 -5.32
C GLY B 13 27.70 -17.84 -6.06
N TRP B 14 26.83 -18.50 -5.32
CA TRP B 14 25.91 -19.48 -5.89
C TRP B 14 24.70 -18.76 -6.45
N THR B 15 24.57 -18.76 -7.78
CA THR B 15 23.43 -18.14 -8.44
C THR B 15 22.13 -18.88 -8.15
N GLY B 16 22.20 -20.11 -7.67
CA GLY B 16 21.01 -20.94 -7.48
C GLY B 16 20.34 -20.77 -6.13
N MET B 17 21.09 -20.28 -5.14
CA MET B 17 20.55 -20.08 -3.80
C MET B 17 19.94 -18.69 -3.74
N VAL B 18 18.61 -18.62 -3.77
CA VAL B 18 17.89 -17.36 -3.72
C VAL B 18 17.02 -17.22 -2.49
N ASP B 19 17.02 -18.20 -1.60
CA ASP B 19 16.29 -18.06 -0.35
C ASP B 19 17.01 -17.13 0.61
N GLY B 20 18.34 -17.09 0.54
CA GLY B 20 19.11 -16.28 1.46
C GLY B 20 20.48 -15.92 0.90
N TRP B 21 21.30 -15.36 1.79
CA TRP B 21 22.64 -14.90 1.46
C TRP B 21 23.71 -15.95 1.73
N TYR B 22 23.45 -16.91 2.63
CA TYR B 22 24.39 -17.97 2.96
C TYR B 22 23.66 -19.30 2.96
N GLY B 23 24.34 -20.34 2.49
CA GLY B 23 23.73 -21.65 2.55
C GLY B 23 24.69 -22.75 2.20
N TYR B 24 24.10 -23.92 1.94
CA TYR B 24 24.84 -25.15 1.70
C TYR B 24 24.27 -25.86 0.48
N HIS B 25 25.14 -26.56 -0.23
CA HIS B 25 24.73 -27.50 -1.27
C HIS B 25 25.24 -28.88 -0.91
N HIS B 26 24.33 -29.83 -0.75
CA HIS B 26 24.65 -31.19 -0.37
C HIS B 26 24.53 -32.12 -1.57
N GLN B 27 25.35 -33.16 -1.57
CA GLN B 27 25.36 -34.14 -2.64
C GLN B 27 25.54 -35.52 -2.03
N ASN B 28 24.49 -36.32 -2.04
CA ASN B 28 24.49 -37.63 -1.39
C ASN B 28 23.70 -38.58 -2.27
N GLU B 29 23.35 -39.75 -1.72
CA GLU B 29 22.59 -40.73 -2.51
C GLU B 29 21.23 -40.18 -2.91
N GLN B 30 20.50 -39.59 -1.95
CA GLN B 30 19.11 -39.22 -2.20
C GLN B 30 18.96 -38.07 -3.18
N GLY B 31 20.03 -37.36 -3.51
CA GLY B 31 19.97 -36.29 -4.49
C GLY B 31 20.77 -35.10 -4.04
N SER B 32 20.53 -33.97 -4.69
CA SER B 32 21.27 -32.75 -4.41
C SER B 32 20.31 -31.56 -4.54
N GLY B 33 20.83 -30.39 -4.25
CA GLY B 33 20.04 -29.16 -4.28
C GLY B 33 20.55 -28.19 -3.23
N TYR B 34 20.45 -26.90 -3.56
CA TYR B 34 20.92 -25.87 -2.65
C TYR B 34 19.95 -25.74 -1.47
N ALA B 35 20.38 -24.99 -0.46
CA ALA B 35 19.54 -24.66 0.69
C ALA B 35 20.18 -23.49 1.45
N ALA B 36 19.40 -22.44 1.70
CA ALA B 36 19.96 -21.25 2.34
C ALA B 36 19.79 -21.31 3.85
N ASP B 37 20.63 -20.55 4.55
CA ASP B 37 20.67 -20.55 6.01
C ASP B 37 20.05 -19.26 6.55
N GLN B 38 19.06 -19.40 7.42
CA GLN B 38 18.30 -18.26 7.93
C GLN B 38 18.94 -17.62 9.16
N LYS B 39 19.53 -18.42 10.06
CA LYS B 39 20.20 -17.85 11.22
C LYS B 39 21.25 -16.84 10.78
N SER B 40 22.09 -17.22 9.81
CA SER B 40 23.10 -16.30 9.31
C SER B 40 22.50 -15.19 8.46
N THR B 41 21.58 -15.53 7.57
CA THR B 41 21.01 -14.54 6.67
C THR B 41 20.26 -13.46 7.45
N GLN B 42 19.33 -13.87 8.30
CA GLN B 42 18.42 -12.91 8.93
C GLN B 42 19.17 -11.97 9.88
N ASN B 43 20.18 -12.48 10.58
CA ASN B 43 21.01 -11.61 11.39
C ASN B 43 21.70 -10.53 10.56
N ALA B 44 21.87 -10.77 9.26
CA ALA B 44 22.56 -9.85 8.37
C ALA B 44 21.61 -8.87 7.71
N ILE B 45 20.47 -9.34 7.22
CA ILE B 45 19.47 -8.44 6.65
C ILE B 45 19.03 -7.43 7.71
N ASN B 46 18.71 -7.91 8.91
CA ASN B 46 18.21 -7.02 9.95
C ASN B 46 19.25 -6.01 10.37
N GLY B 47 20.51 -6.46 10.52
CA GLY B 47 21.56 -5.53 10.91
C GLY B 47 21.89 -4.52 9.84
N ILE B 48 21.85 -4.94 8.57
CA ILE B 48 22.17 -4.04 7.47
C ILE B 48 21.02 -3.07 7.22
N THR B 49 19.78 -3.57 7.16
CA THR B 49 18.64 -2.66 7.08
C THR B 49 18.77 -1.56 8.12
N ASN B 50 19.14 -1.94 9.35
CA ASN B 50 19.33 -0.96 10.40
C ASN B 50 20.54 -0.08 10.13
N LYS B 51 21.62 -0.65 9.60
CA LYS B 51 22.78 0.14 9.23
C LYS B 51 22.45 1.15 8.14
N VAL B 52 21.61 0.75 7.19
CA VAL B 52 21.10 1.72 6.23
C VAL B 52 20.22 2.75 6.93
N ASN B 53 19.20 2.29 7.65
CA ASN B 53 18.35 3.18 8.46
C ASN B 53 19.16 4.08 9.37
N SER B 54 20.39 3.68 9.72
CA SER B 54 21.20 4.47 10.64
C SER B 54 21.60 5.80 10.00
N VAL B 55 22.28 5.74 8.86
CA VAL B 55 22.77 6.96 8.23
C VAL B 55 21.63 7.78 7.65
N ILE B 56 20.60 7.13 7.13
CA ILE B 56 19.44 7.86 6.63
C ILE B 56 18.88 8.77 7.73
N GLU B 57 18.54 8.18 8.86
CA GLU B 57 17.65 8.82 9.83
C GLU B 57 18.40 9.54 10.94
N LYS B 58 19.65 9.90 10.73
CA LYS B 58 20.36 10.76 11.67
C LYS B 58 20.66 12.13 11.09
N MET B 59 20.27 12.39 9.85
CA MET B 59 20.31 13.72 9.25
C MET B 59 19.00 14.42 9.63
N ASN B 60 19.05 15.18 10.72
CA ASN B 60 17.91 15.98 11.16
C ASN B 60 17.90 17.28 10.38
N THR B 61 16.82 17.51 9.63
CA THR B 61 16.69 18.68 8.77
C THR B 61 15.61 19.57 9.34
N GLN B 62 15.99 20.79 9.72
CA GLN B 62 15.02 21.75 10.23
C GLN B 62 14.30 22.43 9.07
N PHE B 63 13.07 22.87 9.33
CA PHE B 63 12.29 23.58 8.34
C PHE B 63 12.92 24.95 8.08
N THR B 64 13.82 25.04 7.11
CA THR B 64 14.45 26.31 6.79
C THR B 64 14.52 26.46 5.28
N ALA B 65 15.32 27.42 4.83
CA ALA B 65 15.41 27.78 3.42
C ALA B 65 16.79 28.35 3.15
N VAL B 66 17.10 28.53 1.87
CA VAL B 66 18.42 28.96 1.42
C VAL B 66 18.35 30.23 0.59
N GLY B 67 17.39 30.29 -0.34
CA GLY B 67 17.33 31.39 -1.29
C GLY B 67 17.22 32.77 -0.67
N LYS B 68 18.32 33.51 -0.73
CA LYS B 68 18.37 34.89 -0.24
C LYS B 68 18.82 35.80 -1.38
N GLU B 69 18.09 36.89 -1.57
CA GLU B 69 18.48 37.89 -2.54
C GLU B 69 19.08 39.07 -1.80
N PHE B 70 20.20 39.57 -2.29
CA PHE B 70 20.89 40.71 -1.72
C PHE B 70 20.89 41.86 -2.72
N ASN B 71 20.80 43.08 -2.21
CA ASN B 71 20.99 44.22 -3.09
C ASN B 71 22.40 44.20 -3.68
N LYS B 72 22.55 44.86 -4.83
CA LYS B 72 23.84 44.93 -5.49
C LYS B 72 24.90 45.61 -4.63
N LEU B 73 24.49 46.30 -3.56
CA LEU B 73 25.42 47.01 -2.69
C LEU B 73 25.71 46.28 -1.38
N GLU B 74 25.28 45.03 -1.27
CA GLU B 74 25.70 44.17 -0.16
C GLU B 74 26.49 42.97 -0.69
N ARG B 75 27.19 43.17 -1.81
CA ARG B 75 27.88 42.07 -2.48
C ARG B 75 28.80 41.34 -1.51
N ARG B 76 29.52 42.06 -0.65
CA ARG B 76 30.33 41.40 0.36
C ARG B 76 29.50 40.43 1.19
N MET B 77 28.29 40.83 1.56
CA MET B 77 27.39 39.90 2.23
C MET B 77 26.81 38.89 1.25
N GLU B 78 26.47 39.34 0.04
CA GLU B 78 26.06 38.39 -0.99
C GLU B 78 27.15 37.36 -1.26
N ASN B 79 28.42 37.79 -1.22
CA ASN B 79 29.52 36.83 -1.27
C ASN B 79 29.56 36.00 0.00
N LEU B 80 29.30 36.63 1.15
CA LEU B 80 29.26 35.87 2.40
C LEU B 80 28.14 34.85 2.39
N ASN B 81 27.00 35.20 1.79
CA ASN B 81 25.89 34.26 1.68
C ASN B 81 26.34 32.97 1.01
N LYS B 82 27.01 33.08 -0.14
CA LYS B 82 27.43 31.88 -0.86
C LYS B 82 28.42 31.06 -0.05
N LYS B 83 29.37 31.73 0.63
CA LYS B 83 30.37 31.00 1.40
C LYS B 83 29.71 30.10 2.43
N VAL B 84 28.60 30.56 3.03
CA VAL B 84 27.91 29.74 4.02
C VAL B 84 27.23 28.55 3.36
N ASP B 85 26.82 28.67 2.10
CA ASP B 85 26.24 27.51 1.42
C ASP B 85 27.33 26.59 0.88
N ASP B 86 28.36 27.14 0.25
CA ASP B 86 29.39 26.30 -0.34
C ASP B 86 30.11 25.50 0.73
N GLY B 87 30.36 26.13 1.89
CA GLY B 87 31.05 25.43 2.97
C GLY B 87 30.31 24.18 3.41
N PHE B 88 28.99 24.25 3.49
CA PHE B 88 28.19 23.06 3.80
C PHE B 88 28.23 22.08 2.64
N ILE B 89 27.98 22.58 1.42
CA ILE B 89 28.09 21.74 0.24
C ILE B 89 29.52 21.24 0.04
N ASP B 90 30.50 21.90 0.66
CA ASP B 90 31.82 21.29 0.78
C ASP B 90 31.79 20.12 1.76
N ILE B 91 31.33 20.37 2.99
CA ILE B 91 31.43 19.39 4.06
C ILE B 91 30.50 18.20 3.82
N TRP B 92 29.19 18.47 3.77
CA TRP B 92 28.20 17.40 3.64
C TRP B 92 28.42 16.55 2.40
N THR B 93 29.22 17.02 1.44
CA THR B 93 29.56 16.19 0.30
C THR B 93 30.76 15.30 0.59
N TYR B 94 31.84 15.90 1.08
CA TYR B 94 33.03 15.13 1.45
C TYR B 94 32.69 14.05 2.47
N ASN B 95 32.11 14.45 3.61
CA ASN B 95 31.86 13.50 4.68
C ASN B 95 30.96 12.35 4.23
N ALA B 96 29.99 12.64 3.36
CA ALA B 96 29.07 11.61 2.90
C ALA B 96 29.79 10.59 2.05
N GLU B 97 30.47 11.05 1.00
CA GLU B 97 31.06 10.12 0.04
C GLU B 97 32.19 9.31 0.65
N LEU B 98 32.89 9.85 1.65
CA LEU B 98 33.86 9.05 2.39
C LEU B 98 33.16 8.04 3.28
N LEU B 99 31.98 8.38 3.81
CA LEU B 99 31.23 7.46 4.64
C LEU B 99 30.66 6.31 3.82
N VAL B 100 30.33 6.57 2.56
CA VAL B 100 29.81 5.53 1.70
C VAL B 100 30.84 4.40 1.50
N LEU B 101 32.01 4.74 0.97
CA LEU B 101 33.06 3.74 0.81
C LEU B 101 33.31 3.00 2.11
N LEU B 102 33.38 3.73 3.23
CA LEU B 102 33.65 3.11 4.52
C LEU B 102 32.64 2.02 4.82
N GLU B 103 31.39 2.41 5.01
CA GLU B 103 30.32 1.45 5.21
C GLU B 103 29.98 0.68 3.95
N ASN B 104 30.80 0.81 2.91
CA ASN B 104 30.82 -0.21 1.89
C ASN B 104 31.83 -1.31 2.24
N GLU B 105 33.09 -0.92 2.39
CA GLU B 105 34.09 -1.91 2.77
C GLU B 105 33.80 -2.47 4.16
N ARG B 106 33.14 -1.70 5.02
CA ARG B 106 32.67 -2.27 6.27
C ARG B 106 31.50 -3.23 6.05
N THR B 107 30.78 -3.12 4.93
CA THR B 107 29.71 -4.04 4.63
C THR B 107 30.19 -5.26 3.84
N LEU B 108 31.36 -5.17 3.19
CA LEU B 108 31.96 -6.30 2.49
C LEU B 108 32.84 -7.15 3.40
N ASP B 109 33.46 -6.52 4.39
CA ASP B 109 34.15 -7.20 5.48
C ASP B 109 33.21 -7.46 6.66
N PHE B 110 31.93 -7.66 6.37
CA PHE B 110 30.96 -8.27 7.27
C PHE B 110 30.43 -9.58 6.69
N HIS B 111 30.02 -9.57 5.41
CA HIS B 111 29.60 -10.81 4.76
C HIS B 111 30.75 -11.79 4.66
N ASP B 112 31.97 -11.30 4.43
CA ASP B 112 33.12 -12.19 4.44
C ASP B 112 33.28 -12.85 5.80
N SER B 113 32.99 -12.13 6.88
CA SER B 113 33.03 -12.73 8.20
C SER B 113 32.05 -13.89 8.33
N ASN B 114 30.77 -13.61 8.07
CA ASN B 114 29.72 -14.60 8.33
C ASN B 114 29.88 -15.85 7.49
N VAL B 115 30.37 -15.71 6.26
CA VAL B 115 30.73 -16.89 5.48
C VAL B 115 31.85 -17.64 6.19
N LYS B 116 32.91 -16.94 6.56
CA LYS B 116 33.97 -17.54 7.36
C LYS B 116 33.45 -17.98 8.73
N ASN B 117 32.56 -17.19 9.32
CA ASN B 117 31.92 -17.60 10.58
C ASN B 117 31.20 -18.92 10.42
N LEU B 118 30.46 -19.08 9.32
CA LEU B 118 29.73 -20.33 9.09
C LEU B 118 30.69 -21.50 8.92
N TYR B 119 31.79 -21.30 8.21
CA TYR B 119 32.68 -22.41 7.88
C TYR B 119 33.23 -23.06 9.15
N GLU B 120 33.72 -22.24 10.08
CA GLU B 120 34.34 -22.74 11.29
C GLU B 120 33.33 -23.23 12.34
N LYS B 121 32.05 -23.34 11.97
CA LYS B 121 31.07 -24.11 12.74
C LYS B 121 30.87 -25.49 12.14
N VAL B 122 30.71 -25.57 10.83
CA VAL B 122 30.57 -26.86 10.17
C VAL B 122 31.88 -27.64 10.24
N LYS B 123 33.01 -26.94 10.14
CA LYS B 123 34.31 -27.59 10.24
C LYS B 123 34.60 -28.05 11.66
N SER B 124 34.16 -27.27 12.65
CA SER B 124 34.29 -27.62 14.06
C SER B 124 33.12 -28.48 14.56
N GLN B 125 32.34 -29.05 13.66
CA GLN B 125 31.28 -29.99 14.01
C GLN B 125 31.60 -31.43 13.62
N LEU B 126 32.32 -31.63 12.52
CA LEU B 126 32.71 -32.96 12.09
C LEU B 126 34.10 -33.32 12.60
N LYS B 127 35.06 -32.44 12.34
CA LYS B 127 36.42 -32.33 12.89
C LYS B 127 37.37 -33.45 12.48
N ASN B 128 36.86 -34.63 12.13
CA ASN B 128 37.61 -35.56 11.30
C ASN B 128 36.73 -36.47 10.48
N ASN B 129 35.40 -36.33 10.56
CA ASN B 129 34.50 -37.19 9.82
C ASN B 129 34.45 -36.83 8.34
N ALA B 130 35.05 -35.70 7.96
CA ALA B 130 35.14 -35.27 6.57
C ALA B 130 36.48 -34.59 6.36
N LYS B 131 37.04 -34.77 5.16
CA LYS B 131 38.27 -34.08 4.79
C LYS B 131 37.91 -32.86 3.96
N GLU B 132 38.46 -31.71 4.33
CA GLU B 132 38.10 -30.44 3.70
C GLU B 132 38.69 -30.35 2.31
N ILE B 133 37.85 -30.05 1.32
CA ILE B 133 38.27 -29.99 -0.07
C ILE B 133 38.97 -28.67 -0.41
N GLY B 134 38.74 -27.62 0.38
CA GLY B 134 39.48 -26.38 0.25
C GLY B 134 38.79 -25.30 -0.56
N ASN B 135 37.95 -25.69 -1.52
CA ASN B 135 37.18 -24.75 -2.31
C ASN B 135 35.90 -24.30 -1.60
N GLY B 136 35.72 -24.71 -0.34
CA GLY B 136 34.56 -24.32 0.44
C GLY B 136 33.57 -25.45 0.65
N CYS B 137 34.05 -26.69 0.69
CA CYS B 137 33.18 -27.85 0.77
C CYS B 137 33.81 -28.90 1.69
N PHE B 138 33.08 -30.00 1.86
CA PHE B 138 33.53 -31.12 2.67
C PHE B 138 33.19 -32.41 1.93
N GLU B 139 33.99 -33.45 2.16
CA GLU B 139 33.69 -34.80 1.68
C GLU B 139 33.53 -35.69 2.91
N PHE B 140 32.29 -36.07 3.21
CA PHE B 140 32.03 -36.92 4.37
C PHE B 140 32.66 -38.29 4.18
N TYR B 141 33.35 -38.75 5.22
CA TYR B 141 33.94 -40.09 5.23
C TYR B 141 32.91 -41.18 5.51
N HIS B 142 31.61 -40.84 5.49
CA HIS B 142 30.58 -41.82 5.81
C HIS B 142 29.31 -41.45 5.07
N LYS B 143 28.46 -42.47 4.87
CA LYS B 143 27.14 -42.24 4.29
C LYS B 143 26.34 -41.32 5.19
N CYS B 144 25.77 -40.26 4.61
CA CYS B 144 25.02 -39.25 5.36
C CYS B 144 23.72 -38.97 4.61
N ASN B 145 22.62 -39.49 5.12
CA ASN B 145 21.31 -39.30 4.50
C ASN B 145 20.84 -37.85 4.74
N ASP B 146 19.68 -37.54 4.17
CA ASP B 146 19.15 -36.18 4.32
C ASP B 146 18.82 -35.86 5.76
N GLU B 147 18.54 -36.88 6.58
CA GLU B 147 18.34 -36.65 8.00
C GLU B 147 19.65 -36.35 8.72
N CYS B 148 20.76 -36.92 8.23
CA CYS B 148 22.07 -36.54 8.75
C CYS B 148 22.51 -35.18 8.22
N MET B 149 22.27 -34.93 6.93
CA MET B 149 22.62 -33.63 6.36
C MET B 149 21.93 -32.50 7.10
N GLU B 150 20.62 -32.64 7.33
CA GLU B 150 19.85 -31.57 7.94
C GLU B 150 20.32 -31.23 9.35
N SER B 151 20.99 -32.16 10.03
CA SER B 151 21.54 -31.84 11.34
C SER B 151 22.81 -31.00 11.23
N VAL B 152 23.57 -31.17 10.16
CA VAL B 152 24.76 -30.35 9.96
C VAL B 152 24.38 -28.89 9.76
N LYS B 153 23.28 -28.64 9.04
CA LYS B 153 22.85 -27.27 8.79
C LYS B 153 22.19 -26.66 10.02
N ASN B 154 21.39 -27.45 10.74
CA ASN B 154 20.72 -26.94 11.94
C ASN B 154 21.74 -26.53 12.99
N GLY B 155 22.56 -27.49 13.43
CA GLY B 155 23.54 -27.23 14.47
C GLY B 155 23.58 -28.31 15.52
N THR B 156 22.83 -29.39 15.30
CA THR B 156 22.77 -30.51 16.23
C THR B 156 23.34 -31.78 15.61
N TYR B 157 24.45 -31.63 14.87
CA TYR B 157 25.06 -32.77 14.20
C TYR B 157 25.63 -33.76 15.21
N ASP B 158 25.42 -35.05 14.93
CA ASP B 158 25.80 -36.11 15.85
C ASP B 158 27.20 -36.61 15.48
N TYR B 159 28.16 -36.32 16.35
CA TYR B 159 29.53 -36.80 16.19
C TYR B 159 29.70 -38.24 16.66
N PRO B 160 29.19 -38.64 17.83
CA PRO B 160 29.41 -40.04 18.25
C PRO B 160 28.77 -41.08 17.35
N LYS B 161 27.59 -40.79 16.79
CA LYS B 161 26.91 -41.79 15.97
C LYS B 161 27.73 -42.14 14.72
N TYR B 162 28.11 -41.13 13.95
CA TYR B 162 28.84 -41.34 12.70
C TYR B 162 30.36 -41.30 12.90
N SER B 163 30.85 -41.54 14.10
CA SER B 163 32.29 -41.53 14.37
C SER B 163 32.93 -42.90 14.15
N GLU B 164 32.24 -43.97 14.53
CA GLU B 164 32.77 -45.31 14.34
C GLU B 164 32.98 -45.61 12.86
N GLU B 165 32.02 -45.21 12.02
CA GLU B 165 32.15 -45.40 10.57
C GLU B 165 33.21 -44.48 9.97
N SER B 166 33.51 -43.37 10.63
CA SER B 166 34.49 -42.43 10.09
C SER B 166 35.90 -43.01 10.11
N LYS B 167 36.28 -43.65 11.22
CA LYS B 167 37.64 -44.16 11.34
C LYS B 167 37.91 -45.33 10.40
N LEU B 168 36.86 -46.07 10.02
CA LEU B 168 37.07 -47.21 9.13
C LEU B 168 37.30 -46.76 7.69
N ASN B 169 36.71 -45.64 7.29
CA ASN B 169 36.97 -45.08 5.96
C ASN B 169 38.16 -44.13 5.95
N ARG B 170 38.40 -43.40 7.04
CA ARG B 170 39.61 -42.60 7.14
C ARG B 170 40.84 -43.49 7.21
N GLU B 171 40.71 -44.68 7.78
CA GLU B 171 41.78 -45.67 7.72
C GLU B 171 42.01 -46.14 6.28
N LYS B 172 40.94 -46.24 5.50
CA LYS B 172 41.07 -46.56 4.08
C LYS B 172 41.90 -45.52 3.35
N ILE B 173 41.80 -44.26 3.75
CA ILE B 173 42.53 -43.18 3.11
C ILE B 173 43.72 -42.76 3.96
N GLN C 1 0.42 -4.91 -17.40
CA GLN C 1 0.99 -5.51 -16.20
C GLN C 1 1.20 -7.02 -16.36
N VAL C 2 1.17 -7.74 -15.24
CA VAL C 2 1.44 -9.17 -15.22
C VAL C 2 0.14 -9.90 -14.87
N GLN C 3 -0.31 -10.77 -15.77
CA GLN C 3 -1.51 -11.57 -15.59
C GLN C 3 -1.16 -13.04 -15.74
N LEU C 4 -1.81 -13.88 -14.94
CA LEU C 4 -1.62 -15.32 -14.99
C LEU C 4 -2.94 -15.96 -15.38
N GLN C 5 -2.98 -16.59 -16.55
CA GLN C 5 -4.15 -17.30 -17.03
C GLN C 5 -3.90 -18.79 -16.92
N GLN C 6 -4.86 -19.51 -16.34
CA GLN C 6 -4.72 -20.93 -16.08
C GLN C 6 -5.74 -21.72 -16.88
N SER C 7 -5.60 -23.04 -16.82
CA SER C 7 -6.52 -23.93 -17.51
C SER C 7 -7.92 -23.85 -16.89
N GLY C 8 -8.89 -24.42 -17.61
CA GLY C 8 -10.25 -24.47 -17.13
C GLY C 8 -10.48 -25.60 -16.16
N PRO C 9 -11.73 -25.73 -15.72
CA PRO C 9 -12.06 -26.81 -14.77
C PRO C 9 -11.88 -28.18 -15.40
N ARG C 10 -10.95 -28.95 -14.86
CA ARG C 10 -10.58 -30.25 -15.38
C ARG C 10 -11.25 -31.37 -14.58
N LEU C 11 -11.05 -32.60 -15.04
CA LEU C 11 -11.61 -33.78 -14.39
C LEU C 11 -10.73 -34.97 -14.74
N VAL C 12 -10.15 -35.61 -13.72
CA VAL C 12 -9.17 -36.68 -13.91
C VAL C 12 -9.70 -37.95 -13.24
N LYS C 13 -9.63 -39.07 -13.96
CA LYS C 13 -9.94 -40.36 -13.38
C LYS C 13 -8.91 -40.70 -12.29
N PRO C 14 -9.26 -41.55 -11.33
CA PRO C 14 -8.31 -41.87 -10.25
C PRO C 14 -7.02 -42.47 -10.80
N SER C 15 -5.94 -42.24 -10.05
CA SER C 15 -4.61 -42.77 -10.33
C SER C 15 -4.04 -42.32 -11.68
N GLN C 16 -4.66 -41.35 -12.34
CA GLN C 16 -4.15 -40.84 -13.60
C GLN C 16 -3.23 -39.65 -13.33
N THR C 17 -2.91 -38.89 -14.39
CA THR C 17 -1.95 -37.80 -14.32
C THR C 17 -2.66 -36.46 -14.45
N LEU C 18 -2.47 -35.59 -13.45
CA LEU C 18 -2.97 -34.22 -13.52
C LEU C 18 -2.00 -33.35 -14.31
N SER C 19 -2.56 -32.44 -15.12
CA SER C 19 -1.75 -31.63 -16.03
C SER C 19 -2.40 -30.26 -16.15
N LEU C 20 -1.89 -29.30 -15.38
CA LEU C 20 -2.36 -27.92 -15.44
C LEU C 20 -1.27 -27.02 -16.01
N THR C 21 -1.69 -26.03 -16.81
N THR C 21 -1.69 -26.03 -16.79
CA THR C 21 -0.76 -25.14 -17.50
CA THR C 21 -0.77 -25.14 -17.50
C THR C 21 -1.08 -23.71 -17.09
C THR C 21 -1.07 -23.70 -17.12
N CYS C 22 -0.03 -22.96 -16.75
CA CYS C 22 -0.15 -21.56 -16.37
C CYS C 22 0.53 -20.71 -17.43
N ALA C 23 -0.19 -19.69 -17.92
CA ALA C 23 0.33 -18.78 -18.93
C ALA C 23 0.70 -17.45 -18.29
N ILE C 24 1.88 -16.96 -18.62
CA ILE C 24 2.39 -15.69 -18.09
C ILE C 24 2.38 -14.67 -19.22
N SER C 25 1.86 -13.48 -18.92
N SER C 25 1.86 -13.48 -18.92
CA SER C 25 1.78 -12.39 -19.90
CA SER C 25 1.78 -12.39 -19.89
C SER C 25 2.43 -11.15 -19.30
C SER C 25 2.44 -11.15 -19.29
N GLY C 26 3.38 -10.57 -20.03
CA GLY C 26 4.06 -9.37 -19.61
C GLY C 26 5.39 -9.60 -18.93
N ASP C 27 5.69 -10.84 -18.55
CA ASP C 27 6.95 -11.20 -17.91
C ASP C 27 7.57 -12.35 -18.67
N SER C 28 8.80 -12.18 -19.13
CA SER C 28 9.56 -13.29 -19.68
C SER C 28 9.60 -14.43 -18.67
N VAL C 29 9.38 -15.66 -19.15
CA VAL C 29 9.38 -16.81 -18.24
C VAL C 29 10.76 -17.06 -17.67
N SER C 30 11.81 -16.78 -18.45
CA SER C 30 13.19 -16.94 -18.03
C SER C 30 13.74 -15.67 -17.37
N SER C 31 12.88 -14.82 -16.84
CA SER C 31 13.33 -13.63 -16.13
C SER C 31 14.06 -14.07 -14.86
N SER C 32 15.31 -13.63 -14.72
CA SER C 32 16.08 -13.84 -13.50
C SER C 32 15.56 -13.03 -12.33
N SER C 33 14.49 -12.26 -12.52
CA SER C 33 13.89 -11.44 -11.47
C SER C 33 12.54 -11.96 -11.03
N ALA C 34 12.16 -13.18 -11.42
CA ALA C 34 10.84 -13.71 -11.11
C ALA C 34 10.93 -15.19 -10.79
N VAL C 35 10.04 -15.64 -9.91
CA VAL C 35 9.95 -17.02 -9.45
C VAL C 35 8.57 -17.56 -9.78
N TRP C 36 8.49 -18.84 -10.13
CA TRP C 36 7.23 -19.49 -10.50
C TRP C 36 6.96 -20.61 -9.49
N THR C 37 5.95 -20.40 -8.63
N THR C 37 5.91 -20.42 -8.69
CA THR C 37 5.61 -21.35 -7.59
CA THR C 37 5.56 -21.27 -7.57
C THR C 37 4.14 -21.75 -7.73
C THR C 37 4.11 -21.73 -7.69
N TRP C 38 3.86 -23.01 -7.44
CA TRP C 38 2.51 -23.56 -7.50
C TRP C 38 2.01 -23.84 -6.09
N ILE C 39 0.74 -23.50 -5.85
CA ILE C 39 0.11 -23.68 -4.54
C ILE C 39 -1.31 -24.15 -4.77
N ARG C 40 -1.72 -25.19 -4.05
CA ARG C 40 -3.09 -25.69 -4.13
C ARG C 40 -3.85 -25.33 -2.86
N GLN C 41 -5.18 -25.42 -2.95
CA GLN C 41 -6.06 -24.92 -1.88
C GLN C 41 -7.31 -25.78 -1.83
N SER C 42 -7.48 -26.52 -0.73
CA SER C 42 -8.71 -27.24 -0.46
C SER C 42 -9.44 -26.59 0.71
N PRO C 43 -10.77 -26.70 0.77
CA PRO C 43 -11.48 -26.18 1.94
C PRO C 43 -11.08 -26.85 3.24
N SER C 44 -10.66 -28.11 3.19
CA SER C 44 -10.26 -28.82 4.41
C SER C 44 -8.82 -28.51 4.80
N ARG C 45 -7.86 -28.86 3.94
CA ARG C 45 -6.44 -28.73 4.26
C ARG C 45 -5.89 -27.34 4.08
N GLY C 46 -6.71 -26.38 3.66
CA GLY C 46 -6.23 -25.03 3.49
C GLY C 46 -5.19 -24.92 2.38
N LEU C 47 -4.50 -23.78 2.39
N LEU C 47 -4.48 -23.79 2.40
CA LEU C 47 -3.46 -23.51 1.41
CA LEU C 47 -3.46 -23.52 1.38
C LEU C 47 -2.25 -24.42 1.65
C LEU C 47 -2.20 -24.32 1.64
N GLU C 48 -1.65 -24.88 0.56
CA GLU C 48 -0.46 -25.74 0.65
C GLU C 48 0.43 -25.49 -0.54
N TRP C 49 1.69 -25.19 -0.27
CA TRP C 49 2.67 -25.06 -1.35
C TRP C 49 2.94 -26.42 -1.98
N LEU C 50 3.16 -26.41 -3.29
CA LEU C 50 3.42 -27.64 -4.04
C LEU C 50 4.83 -27.68 -4.63
N GLY C 51 5.27 -26.60 -5.25
CA GLY C 51 6.59 -26.56 -5.86
C GLY C 51 6.86 -25.21 -6.47
N ARG C 52 8.15 -24.99 -6.76
CA ARG C 52 8.62 -23.72 -7.30
C ARG C 52 9.65 -23.96 -8.39
N THR C 53 9.63 -23.11 -9.41
CA THR C 53 10.62 -23.16 -10.47
C THR C 53 11.15 -21.77 -10.74
N TYR C 54 12.35 -21.72 -11.29
CA TYR C 54 13.04 -20.46 -11.53
C TYR C 54 14.22 -20.71 -12.45
N TYR C 55 14.70 -19.63 -13.05
CA TYR C 55 15.82 -19.69 -13.98
C TYR C 55 16.90 -18.72 -13.52
N ARG C 56 18.06 -19.26 -13.19
CA ARG C 56 19.28 -18.47 -13.00
C ARG C 56 20.35 -19.15 -13.85
N SER C 57 20.35 -18.83 -15.16
CA SER C 57 21.28 -19.39 -16.13
C SER C 57 21.06 -20.88 -16.33
N LYS C 58 20.09 -21.41 -15.59
CA LYS C 58 19.68 -22.80 -15.63
C LYS C 58 18.46 -22.91 -14.73
N TRP C 59 17.65 -23.92 -14.98
CA TRP C 59 16.38 -24.11 -14.30
C TRP C 59 16.51 -25.05 -13.12
N TYR C 60 15.75 -24.77 -12.07
CA TYR C 60 15.78 -25.54 -10.83
C TYR C 60 14.35 -25.93 -10.47
N ASP C 61 14.22 -26.92 -9.58
CA ASP C 61 12.91 -27.46 -9.23
C ASP C 61 12.91 -27.88 -7.76
N ASP C 62 12.05 -27.25 -6.96
CA ASP C 62 11.94 -27.56 -5.55
C ASP C 62 10.46 -27.77 -5.22
N TYR C 63 10.14 -28.88 -4.56
CA TYR C 63 8.76 -29.23 -4.24
C TYR C 63 8.64 -29.54 -2.76
N ALA C 64 7.50 -29.14 -2.18
CA ALA C 64 7.26 -29.33 -0.75
C ALA C 64 7.32 -30.82 -0.40
N VAL C 65 7.76 -31.11 0.83
CA VAL C 65 7.98 -32.48 1.27
C VAL C 65 6.70 -33.31 1.27
N SER C 66 5.54 -32.66 1.14
CA SER C 66 4.28 -33.40 1.14
C SER C 66 4.03 -34.13 -0.18
N VAL C 67 4.71 -33.74 -1.26
CA VAL C 67 4.42 -34.29 -2.59
C VAL C 67 5.68 -34.81 -3.26
N GLN C 68 6.77 -34.96 -2.49
CA GLN C 68 8.05 -35.37 -3.07
C GLN C 68 7.95 -36.75 -3.71
N GLY C 69 8.22 -36.81 -5.01
CA GLY C 69 8.28 -38.06 -5.73
C GLY C 69 7.21 -38.25 -6.79
N ARG C 70 6.19 -37.39 -6.83
N ARG C 70 6.19 -37.40 -6.84
CA ARG C 70 5.10 -37.54 -7.78
CA ARG C 70 5.14 -37.56 -7.82
C ARG C 70 4.66 -36.19 -8.34
C ARG C 70 4.69 -36.22 -8.41
N ILE C 71 5.58 -35.24 -8.44
CA ILE C 71 5.24 -33.89 -8.90
C ILE C 71 6.41 -33.32 -9.70
N THR C 72 6.09 -32.63 -10.79
N THR C 72 6.09 -32.60 -10.77
CA THR C 72 7.07 -31.91 -11.59
CA THR C 72 7.07 -31.92 -11.60
C THR C 72 6.44 -30.62 -12.11
C THR C 72 6.45 -30.63 -12.14
N ILE C 73 7.27 -29.59 -12.24
CA ILE C 73 6.82 -28.27 -12.74
C ILE C 73 7.72 -27.88 -13.90
N ASN C 74 7.28 -28.20 -15.14
CA ASN C 74 8.09 -28.00 -16.34
C ASN C 74 7.77 -26.66 -16.98
N PRO C 75 8.78 -25.87 -17.34
CA PRO C 75 8.53 -24.64 -18.09
C PRO C 75 8.52 -24.89 -19.59
N ASP C 76 8.18 -23.83 -20.33
CA ASP C 76 8.19 -23.86 -21.79
C ASP C 76 8.59 -22.46 -22.26
N THR C 77 9.84 -22.33 -22.71
CA THR C 77 10.36 -21.03 -23.10
C THR C 77 9.67 -20.46 -24.34
N SER C 78 9.03 -21.32 -25.15
CA SER C 78 8.40 -20.85 -26.38
C SER C 78 7.04 -20.22 -26.11
N LYS C 79 6.11 -20.99 -25.55
CA LYS C 79 4.76 -20.50 -25.30
C LYS C 79 4.70 -19.49 -24.16
N ASN C 80 5.81 -19.22 -23.48
CA ASN C 80 5.84 -18.37 -22.30
C ASN C 80 4.86 -18.88 -21.24
N GLN C 81 4.96 -20.17 -20.95
CA GLN C 81 4.05 -20.81 -20.00
C GLN C 81 4.84 -21.77 -19.14
N ILE C 82 4.21 -22.20 -18.05
CA ILE C 82 4.70 -23.26 -17.20
C ILE C 82 3.56 -24.27 -17.01
N SER C 83 3.86 -25.38 -16.36
N SER C 83 3.87 -25.39 -16.37
CA SER C 83 2.90 -26.46 -16.19
CA SER C 83 2.92 -26.48 -16.21
C SER C 83 3.10 -27.11 -14.84
C SER C 83 3.04 -27.06 -14.81
N LEU C 84 2.24 -28.09 -14.55
CA LEU C 84 2.30 -28.84 -13.30
C LEU C 84 1.88 -30.28 -13.58
N GLN C 85 2.64 -31.23 -13.05
CA GLN C 85 2.32 -32.64 -13.14
C GLN C 85 2.08 -33.19 -11.75
N LEU C 86 0.96 -33.89 -11.58
CA LEU C 86 0.63 -34.54 -10.31
C LEU C 86 0.14 -35.95 -10.65
N ASN C 87 1.04 -36.92 -10.56
CA ASN C 87 0.71 -38.29 -10.94
C ASN C 87 0.00 -39.01 -9.80
N SER C 88 -0.84 -39.98 -10.17
CA SER C 88 -1.52 -40.86 -9.22
C SER C 88 -2.39 -40.07 -8.25
N VAL C 89 -3.36 -39.35 -8.81
CA VAL C 89 -4.21 -38.47 -8.01
C VAL C 89 -5.16 -39.29 -7.17
N THR C 90 -5.18 -39.02 -5.87
CA THR C 90 -6.08 -39.64 -4.91
C THR C 90 -7.25 -38.70 -4.62
N PRO C 91 -8.25 -39.14 -3.86
CA PRO C 91 -9.29 -38.20 -3.39
C PRO C 91 -8.73 -37.02 -2.58
N ASP C 92 -7.48 -37.09 -2.12
CA ASP C 92 -6.91 -35.98 -1.37
C ASP C 92 -6.65 -34.76 -2.25
N ASP C 93 -6.41 -34.97 -3.54
CA ASP C 93 -5.90 -33.92 -4.43
C ASP C 93 -7.00 -33.12 -5.11
N THR C 94 -8.27 -33.33 -4.74
CA THR C 94 -9.39 -32.61 -5.36
C THR C 94 -9.47 -31.22 -4.72
N ALA C 95 -8.95 -30.21 -5.41
CA ALA C 95 -8.92 -28.86 -4.87
C ALA C 95 -8.60 -27.89 -6.00
N VAL C 96 -8.33 -26.64 -5.64
CA VAL C 96 -7.94 -25.60 -6.58
C VAL C 96 -6.42 -25.62 -6.73
N TYR C 97 -5.92 -25.02 -7.82
CA TYR C 97 -4.49 -24.97 -8.12
C TYR C 97 -4.13 -23.62 -8.72
N TYR C 98 -3.18 -22.92 -8.10
CA TYR C 98 -2.74 -21.59 -8.54
C TYR C 98 -1.29 -21.64 -9.00
N CYS C 99 -0.85 -20.55 -9.63
CA CYS C 99 0.53 -20.31 -9.99
C CYS C 99 0.95 -18.92 -9.55
N ALA C 100 2.23 -18.76 -9.23
CA ALA C 100 2.73 -17.57 -8.56
C ALA C 100 3.75 -16.83 -9.39
N ARG C 101 3.98 -15.59 -9.00
CA ARG C 101 5.18 -14.85 -9.37
C ARG C 101 5.77 -14.24 -8.10
N SER C 102 7.00 -13.71 -8.23
CA SER C 102 7.67 -13.12 -7.08
C SER C 102 8.66 -12.09 -7.61
N SER C 103 8.27 -10.82 -7.54
CA SER C 103 9.22 -9.71 -7.62
C SER C 103 9.47 -9.14 -6.23
N ILE C 104 9.50 -10.03 -5.23
CA ILE C 104 9.65 -9.61 -3.84
C ILE C 104 11.15 -9.56 -3.55
N ASN C 105 11.74 -8.43 -3.93
CA ASN C 105 13.18 -8.22 -3.78
C ASN C 105 13.49 -7.73 -2.36
N ILE C 106 14.28 -8.49 -1.63
CA ILE C 106 14.86 -8.03 -0.38
C ILE C 106 16.37 -8.10 -0.58
N PHE C 107 16.95 -7.02 -1.10
CA PHE C 107 18.39 -6.93 -1.41
C PHE C 107 18.87 -8.11 -2.24
N GLY C 108 17.96 -8.78 -2.96
CA GLY C 108 18.24 -10.04 -3.63
C GLY C 108 17.61 -11.24 -2.94
N VAL C 109 17.40 -11.14 -1.63
CA VAL C 109 16.69 -12.19 -0.91
C VAL C 109 15.21 -12.15 -1.29
N PHE C 110 14.60 -13.32 -1.43
CA PHE C 110 13.19 -13.44 -1.77
C PHE C 110 12.39 -13.85 -0.54
N VAL C 111 11.32 -13.09 -0.24
CA VAL C 111 10.42 -13.46 0.86
C VAL C 111 9.67 -14.75 0.57
N MET C 112 9.57 -15.12 -0.71
CA MET C 112 8.69 -16.21 -1.17
C MET C 112 7.22 -15.87 -0.91
N ALA C 113 6.78 -14.81 -1.57
CA ALA C 113 5.41 -14.32 -1.53
C ALA C 113 4.81 -14.41 -2.93
N MET C 114 3.60 -13.88 -3.09
CA MET C 114 2.92 -13.86 -4.38
C MET C 114 2.46 -12.43 -4.68
N ASP C 115 3.20 -11.76 -5.56
CA ASP C 115 2.79 -10.44 -6.05
C ASP C 115 1.91 -10.52 -7.29
N VAL C 116 1.83 -11.69 -7.93
CA VAL C 116 0.98 -11.91 -9.09
C VAL C 116 0.25 -13.23 -8.90
N TRP C 117 -1.07 -13.20 -8.99
CA TRP C 117 -1.91 -14.36 -8.74
C TRP C 117 -2.60 -14.82 -10.02
N GLY C 118 -3.12 -16.05 -9.97
CA GLY C 118 -3.91 -16.61 -11.03
C GLY C 118 -5.28 -17.03 -10.53
N GLN C 119 -6.27 -16.94 -11.43
CA GLN C 119 -7.67 -17.00 -10.99
C GLN C 119 -8.03 -18.35 -10.37
N GLY C 120 -7.40 -19.43 -10.81
CA GLY C 120 -7.64 -20.73 -10.21
C GLY C 120 -8.20 -21.78 -11.14
N THR C 121 -8.11 -23.05 -10.73
CA THR C 121 -8.52 -24.18 -11.56
C THR C 121 -9.33 -25.16 -10.72
N ALA C 122 -10.53 -25.50 -11.19
CA ALA C 122 -11.37 -26.48 -10.51
C ALA C 122 -10.88 -27.88 -10.87
N VAL C 123 -10.17 -28.51 -9.95
CA VAL C 123 -9.56 -29.81 -10.17
C VAL C 123 -10.29 -30.82 -9.30
N THR C 124 -11.16 -31.61 -9.92
CA THR C 124 -11.94 -32.64 -9.24
C THR C 124 -11.44 -34.01 -9.68
N VAL C 125 -11.02 -34.82 -8.71
CA VAL C 125 -10.61 -36.20 -8.96
C VAL C 125 -11.79 -37.08 -8.62
N SER C 126 -12.33 -37.76 -9.64
CA SER C 126 -13.41 -38.70 -9.43
C SER C 126 -12.89 -39.93 -8.67
N SER C 127 -13.82 -40.77 -8.22
CA SER C 127 -13.43 -41.92 -7.42
C SER C 127 -14.01 -43.21 -8.01
N PRO C 128 -13.92 -44.30 -7.25
CA PRO C 128 -14.46 -45.57 -7.70
C PRO C 128 -15.97 -45.48 -7.93
N SER C 129 -16.71 -45.11 -6.88
CA SER C 129 -18.17 -45.06 -6.93
C SER C 129 -18.59 -43.69 -7.44
N THR C 130 -18.86 -43.59 -8.75
CA THR C 130 -19.37 -42.37 -9.36
C THR C 130 -20.87 -42.52 -9.54
N LYS C 131 -21.65 -41.80 -8.74
CA LYS C 131 -23.10 -41.89 -8.75
C LYS C 131 -23.70 -40.51 -9.02
N GLY C 132 -24.75 -40.47 -9.84
CA GLY C 132 -25.42 -39.23 -10.17
C GLY C 132 -26.49 -38.87 -9.15
N PRO C 133 -26.78 -37.58 -9.04
CA PRO C 133 -27.75 -37.12 -8.04
C PRO C 133 -29.18 -37.31 -8.51
N SER C 134 -30.06 -37.54 -7.55
CA SER C 134 -31.50 -37.59 -7.80
C SER C 134 -32.08 -36.26 -7.32
N VAL C 135 -32.48 -35.42 -8.27
CA VAL C 135 -32.86 -34.04 -7.98
C VAL C 135 -34.37 -33.98 -7.84
N PHE C 136 -34.84 -33.86 -6.62
CA PHE C 136 -36.25 -33.82 -6.33
C PHE C 136 -36.75 -32.39 -6.21
N PRO C 137 -37.99 -32.13 -6.62
CA PRO C 137 -38.52 -30.75 -6.55
C PRO C 137 -39.07 -30.42 -5.17
N LEU C 138 -38.63 -29.30 -4.61
CA LEU C 138 -39.11 -28.82 -3.31
C LEU C 138 -40.22 -27.81 -3.57
N ALA C 139 -41.42 -28.33 -3.81
CA ALA C 139 -42.58 -27.49 -4.03
C ALA C 139 -43.07 -26.92 -2.70
N PRO C 140 -43.51 -25.67 -2.67
CA PRO C 140 -43.98 -25.08 -1.42
C PRO C 140 -45.38 -25.51 -1.07
N SER C 141 -45.64 -25.59 0.23
CA SER C 141 -46.97 -25.93 0.70
C SER C 141 -47.95 -24.82 0.34
N SER C 142 -49.23 -25.18 0.21
CA SER C 142 -50.26 -24.25 -0.22
C SER C 142 -50.58 -23.19 0.83
N LYS C 143 -49.86 -23.16 1.96
CA LYS C 143 -50.05 -22.14 2.97
C LYS C 143 -48.78 -21.37 3.33
N SER C 144 -47.60 -21.91 3.02
CA SER C 144 -46.35 -21.21 3.30
C SER C 144 -46.05 -20.11 2.28
N THR C 145 -46.91 -19.92 1.29
CA THR C 145 -46.74 -18.87 0.28
C THR C 145 -47.81 -17.79 0.36
N SER C 146 -48.77 -17.90 1.29
CA SER C 146 -49.79 -16.87 1.43
C SER C 146 -49.20 -15.54 1.89
N GLY C 147 -48.01 -15.56 2.47
CA GLY C 147 -47.31 -14.35 2.84
C GLY C 147 -46.74 -13.66 1.63
N GLY C 148 -45.74 -12.81 1.87
CA GLY C 148 -45.14 -12.06 0.80
C GLY C 148 -44.16 -12.81 -0.06
N THR C 149 -43.74 -14.02 0.35
CA THR C 149 -42.68 -14.74 -0.33
C THR C 149 -43.06 -16.19 -0.53
N ALA C 150 -42.88 -16.68 -1.75
CA ALA C 150 -42.94 -18.11 -2.04
C ALA C 150 -41.53 -18.69 -1.98
N ALA C 151 -41.43 -19.88 -1.37
CA ALA C 151 -40.13 -20.54 -1.18
C ALA C 151 -40.08 -21.76 -2.08
N LEU C 152 -39.28 -21.70 -3.14
CA LEU C 152 -39.04 -22.82 -4.03
C LEU C 152 -37.69 -23.45 -3.72
N GLY C 153 -37.45 -24.63 -4.28
CA GLY C 153 -36.20 -25.31 -4.02
C GLY C 153 -36.11 -26.63 -4.76
N CYS C 154 -34.91 -27.21 -4.68
CA CYS C 154 -34.59 -28.48 -5.32
C CYS C 154 -33.63 -29.25 -4.43
N LEU C 155 -34.02 -30.46 -4.05
CA LEU C 155 -33.11 -31.32 -3.32
C LEU C 155 -32.17 -32.01 -4.29
N VAL C 156 -30.88 -32.05 -3.95
CA VAL C 156 -29.86 -32.72 -4.74
C VAL C 156 -29.26 -33.80 -3.85
N LYS C 157 -29.71 -35.03 -4.02
CA LYS C 157 -29.39 -36.12 -3.10
C LYS C 157 -28.64 -37.24 -3.82
N ASP C 158 -27.80 -37.93 -3.06
CA ASP C 158 -27.16 -39.19 -3.47
C ASP C 158 -26.29 -39.00 -4.72
N TYR C 159 -25.21 -38.23 -4.52
CA TYR C 159 -24.20 -38.05 -5.56
C TYR C 159 -22.82 -38.13 -4.94
N PHE C 160 -21.84 -38.47 -5.79
CA PHE C 160 -20.44 -38.61 -5.41
C PHE C 160 -19.58 -38.73 -6.66
N PRO C 161 -18.40 -38.10 -6.71
CA PRO C 161 -17.88 -37.22 -5.66
C PRO C 161 -18.36 -35.78 -5.83
N GLU C 162 -17.96 -34.90 -4.91
CA GLU C 162 -18.33 -33.50 -4.99
C GLU C 162 -17.42 -32.76 -5.97
N PRO C 163 -17.82 -31.57 -6.45
CA PRO C 163 -19.05 -30.82 -6.17
C PRO C 163 -20.07 -30.85 -7.30
N VAL C 164 -21.20 -30.20 -7.07
N VAL C 164 -21.19 -30.17 -7.09
CA VAL C 164 -22.27 -30.08 -8.06
CA VAL C 164 -22.27 -30.08 -8.06
C VAL C 164 -22.56 -28.60 -8.29
C VAL C 164 -22.60 -28.61 -8.29
N THR C 165 -22.70 -28.22 -9.55
CA THR C 165 -22.99 -26.83 -9.91
C THR C 165 -24.49 -26.66 -10.06
N VAL C 166 -25.07 -25.71 -9.32
CA VAL C 166 -26.51 -25.46 -9.33
C VAL C 166 -26.77 -24.11 -9.97
N SER C 167 -27.75 -24.06 -10.88
CA SER C 167 -28.11 -22.82 -11.55
C SER C 167 -29.62 -22.81 -11.78
N TRP C 168 -30.27 -21.71 -11.37
CA TRP C 168 -31.69 -21.55 -11.57
C TRP C 168 -31.97 -20.81 -12.87
N ASN C 169 -32.98 -21.28 -13.60
CA ASN C 169 -33.41 -20.68 -14.87
C ASN C 169 -32.24 -20.50 -15.83
N SER C 170 -31.36 -21.49 -15.87
CA SER C 170 -30.15 -21.50 -16.69
C SER C 170 -29.22 -20.33 -16.38
N GLY C 171 -29.48 -19.60 -15.29
CA GLY C 171 -28.60 -18.53 -14.89
C GLY C 171 -29.26 -17.18 -14.68
N ALA C 172 -30.34 -16.90 -15.42
CA ALA C 172 -30.94 -15.58 -15.36
C ALA C 172 -31.47 -15.25 -13.97
N LEU C 173 -32.03 -16.24 -13.27
CA LEU C 173 -32.58 -16.03 -11.93
C LEU C 173 -31.44 -16.01 -10.92
N THR C 174 -31.21 -14.86 -10.29
CA THR C 174 -30.12 -14.69 -9.35
C THR C 174 -30.52 -14.02 -8.04
N SER C 175 -31.65 -13.32 -7.98
N SER C 175 -31.64 -13.32 -7.99
CA SER C 175 -32.03 -12.62 -6.76
CA SER C 175 -32.05 -12.62 -6.77
C SER C 175 -32.72 -13.57 -5.80
C SER C 175 -32.72 -13.58 -5.80
N GLY C 176 -32.22 -13.63 -4.57
CA GLY C 176 -32.79 -14.46 -3.54
C GLY C 176 -32.34 -15.91 -3.56
N VAL C 177 -31.43 -16.29 -4.46
CA VAL C 177 -30.98 -17.67 -4.52
C VAL C 177 -30.09 -17.97 -3.31
N HIS C 178 -30.19 -19.20 -2.81
CA HIS C 178 -29.35 -19.68 -1.72
C HIS C 178 -29.06 -21.15 -1.94
N THR C 179 -27.77 -21.50 -2.03
CA THR C 179 -27.31 -22.87 -2.22
C THR C 179 -26.42 -23.25 -1.05
N PHE C 180 -26.91 -24.13 -0.18
CA PHE C 180 -26.21 -24.51 1.02
C PHE C 180 -25.05 -25.46 0.69
N PRO C 181 -24.00 -25.46 1.51
CA PRO C 181 -22.93 -26.44 1.31
C PRO C 181 -23.43 -27.85 1.56
N ALA C 182 -22.91 -28.80 0.80
CA ALA C 182 -23.36 -30.18 0.91
C ALA C 182 -22.95 -30.77 2.26
N VAL C 183 -23.80 -31.64 2.80
CA VAL C 183 -23.54 -32.34 4.05
C VAL C 183 -23.31 -33.81 3.74
N LEU C 184 -22.37 -34.42 4.44
CA LEU C 184 -21.99 -35.81 4.20
C LEU C 184 -22.97 -36.71 4.91
N GLN C 185 -23.92 -37.27 4.17
CA GLN C 185 -24.89 -38.20 4.74
C GLN C 185 -24.18 -39.48 5.20
N SER C 186 -24.94 -40.33 5.91
CA SER C 186 -24.38 -41.57 6.44
C SER C 186 -24.01 -42.58 5.37
N SER C 187 -24.42 -42.35 4.11
CA SER C 187 -24.13 -43.25 3.01
C SER C 187 -22.87 -42.88 2.26
N GLY C 188 -22.09 -41.92 2.74
CA GLY C 188 -20.95 -41.43 2.00
C GLY C 188 -21.29 -40.59 0.79
N LEU C 189 -22.57 -40.42 0.47
CA LEU C 189 -23.00 -39.62 -0.67
C LEU C 189 -23.37 -38.23 -0.19
N TYR C 190 -22.74 -37.21 -0.79
CA TYR C 190 -23.03 -35.84 -0.43
C TYR C 190 -24.47 -35.47 -0.78
N SER C 191 -25.07 -34.62 0.05
CA SER C 191 -26.44 -34.17 -0.12
C SER C 191 -26.49 -32.65 -0.06
N LEU C 192 -27.24 -32.04 -0.97
CA LEU C 192 -27.23 -30.59 -1.11
C LEU C 192 -28.61 -30.11 -1.53
N SER C 193 -28.99 -28.93 -1.05
N SER C 193 -28.98 -28.92 -1.06
CA SER C 193 -30.26 -28.30 -1.40
CA SER C 193 -30.26 -28.31 -1.40
C SER C 193 -30.00 -26.87 -1.83
C SER C 193 -30.02 -26.86 -1.80
N SER C 194 -30.92 -26.34 -2.64
CA SER C 194 -30.81 -24.97 -3.14
C SER C 194 -32.21 -24.40 -3.29
N VAL C 195 -32.46 -23.27 -2.65
CA VAL C 195 -33.79 -22.65 -2.62
C VAL C 195 -33.74 -21.26 -3.22
N VAL C 196 -34.90 -20.61 -3.34
CA VAL C 196 -34.97 -19.26 -3.89
C VAL C 196 -36.25 -18.54 -3.45
N THR C 197 -36.11 -17.30 -3.01
CA THR C 197 -37.24 -16.48 -2.61
C THR C 197 -37.76 -15.73 -3.83
N VAL C 198 -39.02 -15.98 -4.18
CA VAL C 198 -39.66 -15.35 -5.32
C VAL C 198 -41.04 -14.87 -4.89
N PRO C 199 -41.61 -13.85 -5.55
CA PRO C 199 -42.95 -13.39 -5.16
C PRO C 199 -44.01 -14.44 -5.47
N SER C 200 -45.00 -14.52 -4.57
CA SER C 200 -46.06 -15.51 -4.71
C SER C 200 -47.02 -15.22 -5.86
N SER C 201 -46.98 -14.01 -6.40
CA SER C 201 -47.81 -13.64 -7.53
C SER C 201 -47.20 -14.05 -8.87
N SER C 202 -46.23 -14.96 -8.87
CA SER C 202 -45.57 -15.36 -10.11
C SER C 202 -45.40 -16.88 -10.22
N LEU C 203 -45.93 -17.67 -9.29
CA LEU C 203 -45.82 -19.12 -9.37
C LEU C 203 -46.66 -19.72 -10.48
N GLY C 204 -47.52 -18.93 -11.13
CA GLY C 204 -48.33 -19.40 -12.23
C GLY C 204 -48.07 -18.63 -13.51
N THR C 205 -47.38 -17.49 -13.39
CA THR C 205 -47.00 -16.70 -14.56
C THR C 205 -45.48 -16.66 -14.74
N GLN C 206 -44.77 -17.63 -14.18
CA GLN C 206 -43.32 -17.73 -14.39
C GLN C 206 -42.89 -19.16 -14.09
N THR C 207 -42.30 -19.82 -15.08
N THR C 207 -42.30 -19.83 -15.08
CA THR C 207 -41.81 -21.19 -14.90
CA THR C 207 -41.81 -21.19 -14.91
C THR C 207 -40.50 -21.19 -14.13
C THR C 207 -40.51 -21.18 -14.11
N TYR C 208 -40.34 -22.19 -13.26
CA TYR C 208 -39.17 -22.31 -12.40
C TYR C 208 -38.46 -23.64 -12.66
N ILE C 209 -37.21 -23.56 -13.09
CA ILE C 209 -36.44 -24.73 -13.52
C ILE C 209 -35.04 -24.64 -12.94
N CYS C 210 -34.70 -25.54 -12.02
CA CYS C 210 -33.37 -25.62 -11.45
C CYS C 210 -32.52 -26.59 -12.26
N ASN C 211 -31.37 -26.12 -12.70
CA ASN C 211 -30.49 -26.87 -13.61
C ASN C 211 -29.32 -27.39 -12.80
N VAL C 212 -29.31 -28.70 -12.55
CA VAL C 212 -28.32 -29.35 -11.68
C VAL C 212 -27.36 -30.13 -12.56
N ASN C 213 -26.07 -30.12 -12.19
CA ASN C 213 -25.04 -30.78 -12.98
C ASN C 213 -23.94 -31.31 -12.06
N HIS C 214 -23.69 -32.62 -12.15
CA HIS C 214 -22.63 -33.30 -11.41
C HIS C 214 -21.58 -33.74 -12.42
N LYS C 215 -20.53 -32.93 -12.58
CA LYS C 215 -19.56 -33.16 -13.64
C LYS C 215 -18.84 -34.50 -13.58
N PRO C 216 -18.49 -35.06 -12.42
CA PRO C 216 -17.79 -36.36 -12.44
C PRO C 216 -18.65 -37.53 -12.92
N SER C 217 -19.98 -37.39 -13.02
CA SER C 217 -20.83 -38.49 -13.46
C SER C 217 -21.75 -38.11 -14.63
N ASN C 218 -21.36 -37.11 -15.43
CA ASN C 218 -22.02 -36.61 -16.64
C ASN C 218 -23.47 -36.15 -16.41
N THR C 219 -23.93 -36.10 -15.16
CA THR C 219 -25.35 -35.87 -14.91
C THR C 219 -25.74 -34.41 -15.12
N LYS C 220 -26.86 -34.20 -15.81
CA LYS C 220 -27.41 -32.85 -16.02
C LYS C 220 -28.93 -32.98 -16.05
N VAL C 221 -29.59 -32.56 -14.97
CA VAL C 221 -31.03 -32.72 -14.82
C VAL C 221 -31.71 -31.36 -14.90
N ASP C 222 -32.89 -31.34 -15.52
CA ASP C 222 -33.69 -30.12 -15.68
C ASP C 222 -35.08 -30.38 -15.12
N LYS C 223 -35.24 -30.21 -13.81
CA LYS C 223 -36.53 -30.42 -13.15
C LYS C 223 -37.22 -29.07 -12.99
N ARG C 224 -38.54 -29.07 -13.18
CA ARG C 224 -39.35 -27.86 -13.13
C ARG C 224 -40.20 -27.88 -11.87
N VAL C 225 -40.04 -26.86 -11.02
CA VAL C 225 -40.78 -26.77 -9.77
C VAL C 225 -42.14 -26.15 -10.06
N GLU C 226 -43.19 -26.92 -9.82
CA GLU C 226 -44.57 -26.46 -10.00
C GLU C 226 -45.29 -26.42 -8.67
N PRO C 227 -45.57 -25.24 -8.11
CA PRO C 227 -46.26 -25.11 -6.81
C PRO C 227 -47.75 -25.44 -6.89
N GLU D 1 7.90 -29.40 10.33
CA GLU D 1 7.08 -28.52 9.52
C GLU D 1 6.44 -27.43 10.37
N ILE D 2 6.39 -26.22 9.82
CA ILE D 2 5.90 -25.04 10.53
C ILE D 2 4.45 -24.83 10.13
N VAL D 3 3.52 -25.22 11.00
CA VAL D 3 2.10 -25.01 10.76
C VAL D 3 1.64 -23.83 11.61
N LEU D 4 1.04 -22.84 10.95
CA LEU D 4 0.60 -21.63 11.63
C LEU D 4 -0.81 -21.82 12.20
N THR D 5 -1.13 -20.97 13.18
CA THR D 5 -2.42 -21.01 13.86
C THR D 5 -2.83 -19.58 14.18
N GLN D 6 -3.98 -19.15 13.67
CA GLN D 6 -4.45 -17.79 13.85
C GLN D 6 -5.65 -17.75 14.79
N SER D 7 -5.74 -16.67 15.56
CA SER D 7 -6.82 -16.47 16.52
C SER D 7 -7.35 -15.04 16.38
N PRO D 8 -8.68 -14.84 16.33
CA PRO D 8 -9.70 -15.90 16.39
C PRO D 8 -9.94 -16.56 15.03
N GLY D 9 -10.67 -17.69 15.02
CA GLY D 9 -11.03 -18.32 13.76
C GLY D 9 -11.99 -17.47 12.97
N THR D 10 -13.14 -17.17 13.57
N THR D 10 -13.15 -17.19 13.56
CA THR D 10 -14.15 -16.32 12.96
CA THR D 10 -14.15 -16.30 12.96
C THR D 10 -14.46 -15.17 13.91
C THR D 10 -14.41 -15.15 13.92
N LEU D 11 -14.43 -13.94 13.38
CA LEU D 11 -14.67 -12.74 14.18
C LEU D 11 -15.71 -11.88 13.51
N SER D 12 -16.53 -11.21 14.32
CA SER D 12 -17.60 -10.36 13.81
C SER D 12 -17.40 -8.96 14.41
N LEU D 13 -16.84 -8.04 13.61
CA LEU D 13 -16.61 -6.67 14.04
C LEU D 13 -17.37 -5.71 13.15
N SER D 14 -17.91 -4.65 13.77
CA SER D 14 -18.57 -3.60 13.01
C SER D 14 -17.55 -2.87 12.15
N PRO D 15 -17.99 -2.24 11.06
CA PRO D 15 -17.06 -1.45 10.24
C PRO D 15 -16.42 -0.34 11.05
N GLY D 16 -15.15 -0.06 10.74
CA GLY D 16 -14.38 0.94 11.46
C GLY D 16 -13.71 0.46 12.73
N GLU D 17 -14.16 -0.67 13.29
CA GLU D 17 -13.55 -1.17 14.52
C GLU D 17 -12.17 -1.73 14.22
N ARG D 18 -11.24 -1.51 15.15
CA ARG D 18 -9.86 -1.96 14.97
C ARG D 18 -9.79 -3.48 15.04
N VAL D 19 -9.31 -4.10 13.97
CA VAL D 19 -9.28 -5.54 13.83
C VAL D 19 -7.85 -6.02 14.06
N THR D 20 -7.67 -6.96 14.99
CA THR D 20 -6.36 -7.50 15.32
C THR D 20 -6.35 -9.00 15.09
N LEU D 21 -5.46 -9.47 14.23
CA LEU D 21 -5.36 -10.89 13.88
C LEU D 21 -3.97 -11.38 14.26
N SER D 22 -3.91 -12.23 15.27
N SER D 22 -3.90 -12.24 15.27
CA SER D 22 -2.64 -12.79 15.70
CA SER D 22 -2.64 -12.79 15.70
C SER D 22 -2.26 -13.97 14.82
C SER D 22 -2.26 -14.00 14.86
N CYS D 23 -0.95 -14.21 14.69
CA CYS D 23 -0.41 -15.31 13.88
C CYS D 23 0.64 -16.03 14.71
N ARG D 24 0.27 -17.15 15.31
CA ARG D 24 1.14 -17.93 16.17
C ARG D 24 1.83 -19.04 15.36
N ALA D 25 3.15 -19.10 15.46
CA ALA D 25 3.95 -20.05 14.70
C ALA D 25 4.43 -21.19 15.60
N SER D 26 4.46 -22.40 15.04
CA SER D 26 4.93 -23.56 15.78
C SER D 26 6.42 -23.48 16.11
N GLN D 27 7.17 -22.65 15.38
CA GLN D 27 8.53 -22.30 15.76
C GLN D 27 8.87 -20.99 15.07
N THR D 28 10.06 -20.47 15.38
CA THR D 28 10.40 -19.10 15.03
C THR D 28 10.53 -18.95 13.52
N VAL D 29 9.73 -18.04 12.94
CA VAL D 29 9.88 -17.63 11.56
C VAL D 29 10.65 -16.33 11.52
N TYR D 30 11.61 -16.23 10.63
CA TYR D 30 12.55 -15.11 10.63
C TYR D 30 11.93 -13.88 9.99
N ASN D 31 12.37 -12.71 10.45
CA ASN D 31 11.74 -11.43 10.13
C ASN D 31 11.59 -11.19 8.64
N SER D 32 12.19 -12.00 7.78
CA SER D 32 12.18 -11.70 6.36
C SER D 32 11.13 -12.48 5.58
N TYR D 33 10.74 -13.67 6.04
CA TYR D 33 9.98 -14.60 5.22
C TYR D 33 8.55 -14.78 5.72
N LEU D 34 7.93 -13.70 6.16
CA LEU D 34 6.52 -13.70 6.52
C LEU D 34 5.76 -12.91 5.47
N ALA D 35 4.71 -13.49 4.92
CA ALA D 35 3.86 -12.79 3.98
C ALA D 35 2.42 -12.97 4.38
N TRP D 36 1.61 -11.94 4.16
CA TRP D 36 0.19 -11.97 4.47
C TRP D 36 -0.63 -11.88 3.19
N TYR D 37 -1.89 -12.29 3.30
CA TYR D 37 -2.80 -12.25 2.16
C TYR D 37 -4.22 -12.00 2.63
N GLN D 38 -5.00 -11.32 1.79
CA GLN D 38 -6.41 -11.06 2.01
C GLN D 38 -7.20 -11.74 0.89
N GLN D 39 -7.95 -12.79 1.22
CA GLN D 39 -8.70 -13.56 0.25
C GLN D 39 -10.18 -13.26 0.39
N LYS D 40 -10.78 -12.74 -0.68
CA LYS D 40 -12.23 -12.58 -0.73
C LYS D 40 -12.88 -13.93 -1.05
N PRO D 41 -14.11 -14.15 -0.60
CA PRO D 41 -14.79 -15.42 -0.87
C PRO D 41 -14.87 -15.73 -2.35
N GLY D 42 -14.18 -16.78 -2.79
CA GLY D 42 -14.19 -17.15 -4.18
C GLY D 42 -12.99 -16.64 -4.95
N GLN D 43 -12.60 -15.40 -4.69
CA GLN D 43 -11.44 -14.83 -5.35
C GLN D 43 -10.16 -15.42 -4.78
N ALA D 44 -9.13 -15.51 -5.62
CA ALA D 44 -7.83 -15.92 -5.15
C ALA D 44 -7.25 -14.83 -4.23
N PRO D 45 -6.46 -15.23 -3.23
CA PRO D 45 -5.84 -14.22 -2.34
C PRO D 45 -4.96 -13.26 -3.13
N THR D 46 -4.54 -12.20 -2.43
CA THR D 46 -3.62 -11.22 -2.98
C THR D 46 -2.64 -10.82 -1.90
N LEU D 47 -1.50 -10.28 -2.31
CA LEU D 47 -0.48 -9.89 -1.34
C LEU D 47 -0.96 -8.67 -0.56
N LEU D 48 -0.91 -8.78 0.76
CA LEU D 48 -1.18 -7.69 1.68
C LEU D 48 0.09 -7.18 2.36
N ILE D 49 0.91 -8.11 2.88
CA ILE D 49 2.16 -7.81 3.56
C ILE D 49 3.17 -8.89 3.20
N TYR D 50 4.42 -8.49 3.01
CA TYR D 50 5.52 -9.44 2.92
C TYR D 50 6.60 -9.03 3.92
N GLY D 51 7.76 -9.67 3.86
CA GLY D 51 8.82 -9.37 4.82
C GLY D 51 8.29 -9.61 6.22
N THR D 52 8.10 -8.56 6.97
CA THR D 52 7.26 -8.72 8.15
C THR D 52 6.22 -7.62 8.27
N SER D 53 6.58 -6.38 7.92
CA SER D 53 5.70 -5.23 8.01
C SER D 53 5.93 -4.32 6.82
N THR D 54 6.08 -4.90 5.63
CA THR D 54 6.38 -4.18 4.40
C THR D 54 5.10 -4.17 3.56
N ARG D 55 4.54 -2.99 3.35
CA ARG D 55 3.26 -2.87 2.64
C ARG D 55 3.43 -3.23 1.17
N ALA D 56 2.56 -4.13 0.68
CA ALA D 56 2.61 -4.50 -0.72
C ALA D 56 2.09 -3.36 -1.60
N THR D 57 2.53 -3.38 -2.86
CA THR D 57 2.16 -2.31 -3.79
C THR D 57 0.65 -2.27 -3.97
N GLY D 58 0.09 -1.07 -3.85
CA GLY D 58 -1.34 -0.90 -4.00
C GLY D 58 -2.17 -1.33 -2.81
N VAL D 59 -1.56 -1.47 -1.65
CA VAL D 59 -2.27 -1.81 -0.41
C VAL D 59 -2.39 -0.54 0.43
N PRO D 60 -3.60 -0.17 0.87
CA PRO D 60 -3.77 1.08 1.64
C PRO D 60 -3.00 1.10 2.95
N ASP D 61 -3.03 2.23 3.65
CA ASP D 61 -2.23 2.43 4.83
C ASP D 61 -2.92 2.01 6.13
N ARG D 62 -4.19 1.59 6.07
CA ARG D 62 -4.84 1.10 7.28
C ARG D 62 -4.23 -0.22 7.74
N PHE D 63 -3.88 -1.09 6.79
CA PHE D 63 -3.19 -2.32 7.12
C PHE D 63 -1.75 -2.01 7.54
N SER D 64 -1.27 -2.75 8.54
CA SER D 64 0.08 -2.53 9.06
C SER D 64 0.50 -3.75 9.87
N GLY D 65 1.61 -4.38 9.49
CA GLY D 65 2.09 -5.55 10.19
C GLY D 65 2.95 -5.19 11.39
N SER D 66 3.23 -6.22 12.20
CA SER D 66 4.02 -6.06 13.42
C SER D 66 4.32 -7.43 14.00
N GLY D 67 5.44 -7.54 14.69
CA GLY D 67 5.81 -8.74 15.42
C GLY D 67 7.21 -9.21 15.08
N SER D 68 7.61 -10.28 15.76
CA SER D 68 8.91 -10.91 15.57
C SER D 68 8.91 -12.21 16.37
N GLY D 69 9.75 -13.14 15.95
CA GLY D 69 9.79 -14.44 16.58
C GLY D 69 8.61 -15.28 16.14
N THR D 70 7.91 -15.88 17.10
CA THR D 70 6.78 -16.76 16.83
C THR D 70 5.43 -16.07 17.04
N VAL D 71 5.42 -14.74 17.12
CA VAL D 71 4.20 -13.98 17.32
C VAL D 71 4.15 -12.90 16.26
N PHE D 72 3.20 -13.02 15.34
CA PHE D 72 2.94 -12.00 14.34
C PHE D 72 1.48 -11.57 14.45
N THR D 73 1.22 -10.35 14.00
N THR D 73 1.23 -10.32 14.03
CA THR D 73 -0.09 -9.75 14.20
CA THR D 73 -0.08 -9.73 14.19
C THR D 73 -0.49 -8.90 12.99
C THR D 73 -0.46 -8.94 12.95
N LEU D 74 -1.68 -9.16 12.46
CA LEU D 74 -2.26 -8.34 11.41
C LEU D 74 -3.19 -7.33 12.04
N THR D 75 -3.30 -6.15 11.43
CA THR D 75 -4.01 -5.06 12.07
C THR D 75 -4.61 -4.12 11.03
N ILE D 76 -5.92 -3.97 11.06
CA ILE D 76 -6.64 -3.00 10.26
C ILE D 76 -7.07 -1.87 11.20
N SER D 77 -6.61 -0.65 10.90
CA SER D 77 -6.93 0.48 11.78
C SER D 77 -8.42 0.79 11.75
N ARG D 78 -8.99 0.94 10.56
CA ARG D 78 -10.42 1.16 10.38
C ARG D 78 -10.96 0.06 9.48
N LEU D 79 -11.80 -0.81 10.03
CA LEU D 79 -12.41 -1.88 9.26
C LEU D 79 -13.32 -1.30 8.19
N GLU D 80 -13.31 -1.91 7.01
CA GLU D 80 -14.09 -1.47 5.87
C GLU D 80 -15.01 -2.57 5.38
N PRO D 81 -16.10 -2.23 4.69
CA PRO D 81 -16.99 -3.27 4.15
C PRO D 81 -16.28 -4.20 3.18
N GLU D 82 -15.38 -3.66 2.36
CA GLU D 82 -14.61 -4.49 1.44
C GLU D 82 -13.58 -5.36 2.15
N ASP D 83 -13.51 -5.29 3.48
CA ASP D 83 -12.66 -6.19 4.27
C ASP D 83 -13.43 -7.36 4.85
N PHE D 84 -14.60 -7.66 4.27
CA PHE D 84 -15.28 -8.93 4.51
C PHE D 84 -14.51 -10.03 3.79
N ALA D 85 -13.56 -10.65 4.48
CA ALA D 85 -12.64 -11.58 3.83
C ALA D 85 -11.90 -12.39 4.88
N VAL D 86 -11.30 -13.48 4.42
CA VAL D 86 -10.47 -14.35 5.27
C VAL D 86 -9.02 -13.98 5.03
N TYR D 87 -8.28 -13.78 6.12
CA TYR D 87 -6.89 -13.35 6.07
C TYR D 87 -5.97 -14.49 6.49
N PHE D 88 -4.96 -14.78 5.67
CA PHE D 88 -3.97 -15.81 5.97
C PHE D 88 -2.60 -15.18 6.13
N CYS D 89 -1.88 -15.57 7.18
CA CYS D 89 -0.45 -15.34 7.22
C CYS D 89 0.26 -16.53 6.58
N GLN D 90 1.47 -16.28 6.10
N GLN D 90 1.48 -16.29 6.11
CA GLN D 90 2.25 -17.27 5.38
CA GLN D 90 2.23 -17.30 5.39
C GLN D 90 3.70 -17.17 5.79
C GLN D 90 3.71 -17.20 5.70
N GLN D 91 4.32 -18.33 6.06
CA GLN D 91 5.73 -18.41 6.38
C GLN D 91 6.46 -19.20 5.29
N TYR D 92 7.78 -19.04 5.25
CA TYR D 92 8.62 -19.81 4.34
C TYR D 92 9.93 -20.12 5.03
N SER D 93 10.27 -21.39 5.14
CA SER D 93 11.58 -21.79 5.63
C SER D 93 12.47 -22.18 4.46
N THR D 94 13.76 -22.34 4.75
CA THR D 94 14.76 -22.57 3.72
C THR D 94 15.54 -23.87 3.89
N SER D 95 15.51 -24.49 5.07
CA SER D 95 16.17 -25.77 5.32
C SER D 95 15.51 -26.47 6.50
N PRO D 96 14.62 -27.46 6.27
CA PRO D 96 14.19 -27.90 4.93
C PRO D 96 13.16 -26.94 4.32
N ARG D 97 12.95 -27.06 3.01
CA ARG D 97 12.02 -26.17 2.32
C ARG D 97 10.61 -26.37 2.84
N ALA D 98 10.03 -25.30 3.40
CA ALA D 98 8.68 -25.36 3.93
C ALA D 98 8.01 -24.01 3.71
N LEU D 99 6.77 -24.05 3.21
N LEU D 99 6.78 -24.05 3.18
CA LEU D 99 6.00 -22.84 2.94
CA LEU D 99 5.98 -22.85 2.91
C LEU D 99 4.54 -23.18 3.23
C LEU D 99 4.53 -23.22 3.22
N THR D 100 4.11 -22.95 4.46
CA THR D 100 2.80 -23.35 4.92
C THR D 100 1.93 -22.13 5.21
N PHE D 101 0.72 -22.41 5.69
CA PHE D 101 -0.25 -21.39 6.04
C PHE D 101 -0.87 -21.74 7.39
N GLY D 102 -1.84 -20.93 7.80
CA GLY D 102 -2.57 -21.14 9.03
C GLY D 102 -4.02 -21.52 8.78
N GLY D 103 -4.83 -21.35 9.83
CA GLY D 103 -6.24 -21.69 9.74
C GLY D 103 -7.10 -20.64 9.07
N GLY D 104 -6.59 -19.43 8.90
CA GLY D 104 -7.37 -18.36 8.31
C GLY D 104 -8.29 -17.69 9.30
N THR D 105 -8.57 -16.40 9.07
CA THR D 105 -9.43 -15.62 9.95
C THR D 105 -10.48 -14.90 9.12
N LYS D 106 -11.73 -15.33 9.24
CA LYS D 106 -12.84 -14.68 8.56
C LYS D 106 -13.24 -13.41 9.31
N VAL D 107 -13.29 -12.29 8.60
CA VAL D 107 -13.66 -11.01 9.19
C VAL D 107 -15.09 -10.72 8.77
N GLU D 108 -16.03 -11.09 9.66
CA GLU D 108 -17.44 -10.83 9.41
C GLU D 108 -17.79 -9.42 9.86
N ILE D 109 -18.59 -8.73 9.05
CA ILE D 109 -19.06 -7.39 9.38
C ILE D 109 -20.28 -7.52 10.27
N LYS D 110 -20.18 -7.03 11.50
CA LYS D 110 -21.26 -7.17 12.48
C LYS D 110 -22.43 -6.28 12.10
N ARG D 111 -23.60 -6.89 11.93
CA ARG D 111 -24.84 -6.16 11.67
C ARG D 111 -25.83 -6.44 12.80
N THR D 112 -27.06 -5.98 12.61
CA THR D 112 -28.10 -6.13 13.62
C THR D 112 -28.71 -7.53 13.59
N VAL D 113 -29.39 -7.87 14.68
CA VAL D 113 -30.07 -9.16 14.82
C VAL D 113 -31.32 -9.15 13.96
N ALA D 114 -31.48 -10.17 13.13
CA ALA D 114 -32.61 -10.27 12.21
C ALA D 114 -33.44 -11.51 12.52
N ALA D 115 -34.76 -11.35 12.47
CA ALA D 115 -35.67 -12.46 12.74
C ALA D 115 -35.80 -13.34 11.51
N PRO D 116 -35.62 -14.65 11.63
CA PRO D 116 -35.63 -15.52 10.44
C PRO D 116 -37.04 -15.89 10.02
N SER D 117 -37.27 -15.83 8.71
N SER D 117 -37.27 -15.83 8.71
CA SER D 117 -38.51 -16.30 8.11
CA SER D 117 -38.52 -16.31 8.12
C SER D 117 -38.39 -17.79 7.86
C SER D 117 -38.39 -17.80 7.87
N VAL D 118 -39.31 -18.57 8.44
CA VAL D 118 -39.27 -20.02 8.36
C VAL D 118 -40.13 -20.51 7.22
N PHE D 119 -39.69 -21.60 6.57
CA PHE D 119 -40.47 -22.27 5.54
C PHE D 119 -40.27 -23.77 5.68
N ILE D 120 -41.25 -24.54 5.19
CA ILE D 120 -41.26 -25.98 5.37
C ILE D 120 -41.79 -26.63 4.09
N PHE D 121 -41.30 -27.84 3.81
CA PHE D 121 -41.67 -28.60 2.62
C PHE D 121 -41.74 -30.09 2.96
N PRO D 122 -42.84 -30.76 2.62
CA PRO D 122 -42.93 -32.20 2.82
C PRO D 122 -42.08 -32.94 1.79
N PRO D 123 -41.78 -34.21 2.04
CA PRO D 123 -41.09 -35.01 1.02
C PRO D 123 -41.91 -35.07 -0.26
N SER D 124 -41.25 -34.80 -1.38
CA SER D 124 -41.93 -34.81 -2.66
C SER D 124 -42.42 -36.21 -3.00
N ASP D 125 -43.54 -36.27 -3.74
CA ASP D 125 -44.09 -37.56 -4.15
C ASP D 125 -43.18 -38.29 -5.13
N GLU D 126 -42.25 -37.58 -5.77
CA GLU D 126 -41.26 -38.26 -6.62
C GLU D 126 -40.32 -39.12 -5.79
N GLN D 127 -39.90 -38.63 -4.62
CA GLN D 127 -38.98 -39.37 -3.79
C GLN D 127 -39.66 -40.51 -3.04
N LEU D 128 -40.95 -40.36 -2.72
CA LEU D 128 -41.67 -41.43 -2.05
C LEU D 128 -41.68 -42.71 -2.87
N LYS D 129 -41.56 -42.58 -4.20
CA LYS D 129 -41.40 -43.73 -5.07
C LYS D 129 -39.96 -44.24 -5.11
N SER D 130 -39.05 -43.58 -4.41
CA SER D 130 -37.67 -44.03 -4.29
C SER D 130 -37.35 -44.61 -2.91
N GLY D 131 -38.35 -44.72 -2.03
CA GLY D 131 -38.16 -45.29 -0.72
C GLY D 131 -37.84 -44.31 0.38
N THR D 132 -37.32 -43.13 0.05
CA THR D 132 -36.91 -42.14 1.03
C THR D 132 -37.98 -41.06 1.17
N ALA D 133 -37.97 -40.41 2.33
CA ALA D 133 -38.83 -39.26 2.59
C ALA D 133 -38.01 -38.22 3.32
N SER D 134 -37.84 -37.05 2.70
CA SER D 134 -36.95 -36.00 3.21
C SER D 134 -37.76 -34.72 3.41
N VAL D 135 -38.19 -34.49 4.65
CA VAL D 135 -38.78 -33.20 5.00
C VAL D 135 -37.67 -32.16 5.09
N VAL D 136 -37.91 -30.99 4.51
CA VAL D 136 -36.90 -29.94 4.43
C VAL D 136 -37.45 -28.67 5.07
N CYS D 137 -36.84 -28.26 6.17
CA CYS D 137 -37.15 -26.99 6.81
C CYS D 137 -36.14 -25.94 6.36
N LEU D 138 -36.44 -24.68 6.66
CA LEU D 138 -35.64 -23.58 6.12
C LEU D 138 -35.79 -22.33 6.98
N LEU D 139 -34.68 -21.60 7.12
CA LEU D 139 -34.67 -20.25 7.66
C LEU D 139 -34.07 -19.32 6.61
N ASN D 140 -34.26 -18.02 6.77
CA ASN D 140 -33.69 -17.08 5.82
C ASN D 140 -33.49 -15.72 6.46
N ASN D 141 -32.44 -15.03 6.00
CA ASN D 141 -32.12 -13.63 6.31
C ASN D 141 -32.22 -13.33 7.81
N PHE D 142 -31.32 -13.98 8.56
CA PHE D 142 -31.20 -13.74 9.99
C PHE D 142 -29.74 -13.57 10.37
N TYR D 143 -29.53 -13.12 11.62
CA TYR D 143 -28.22 -12.83 12.20
C TYR D 143 -28.39 -12.72 13.70
N PRO D 144 -27.41 -13.15 14.50
CA PRO D 144 -26.14 -13.78 14.13
C PRO D 144 -26.28 -15.21 13.62
N ARG D 145 -25.15 -15.86 13.35
CA ARG D 145 -25.14 -17.15 12.68
C ARG D 145 -25.75 -18.26 13.52
N GLU D 146 -25.88 -18.08 14.83
CA GLU D 146 -26.31 -19.15 15.71
C GLU D 146 -27.83 -19.28 15.73
N ALA D 147 -28.32 -20.52 15.69
CA ALA D 147 -29.73 -20.83 15.75
C ALA D 147 -29.90 -22.30 16.13
N LYS D 148 -31.10 -22.64 16.59
CA LYS D 148 -31.41 -24.00 17.02
C LYS D 148 -32.72 -24.48 16.39
N VAL D 149 -32.68 -25.67 15.78
CA VAL D 149 -33.83 -26.29 15.14
C VAL D 149 -34.06 -27.65 15.77
N GLN D 150 -35.32 -27.95 16.07
CA GLN D 150 -35.71 -29.23 16.65
C GLN D 150 -36.88 -29.81 15.86
N TRP D 151 -36.61 -30.88 15.10
CA TRP D 151 -37.68 -31.60 14.44
C TRP D 151 -38.57 -32.29 15.46
N LYS D 152 -39.88 -32.26 15.21
CA LYS D 152 -40.85 -32.91 16.07
C LYS D 152 -41.82 -33.70 15.19
N VAL D 153 -41.68 -35.02 15.20
CA VAL D 153 -42.57 -35.91 14.47
C VAL D 153 -43.61 -36.41 15.46
N ASP D 154 -44.86 -35.94 15.31
CA ASP D 154 -45.96 -36.27 16.21
C ASP D 154 -45.64 -35.85 17.64
N ASN D 155 -45.24 -34.58 17.80
CA ASN D 155 -44.86 -34.00 19.09
C ASN D 155 -43.75 -34.78 19.78
N ALA D 156 -42.98 -35.57 19.04
CA ALA D 156 -41.87 -36.34 19.58
C ALA D 156 -40.57 -35.76 19.03
N LEU D 157 -39.70 -35.33 19.94
CA LEU D 157 -38.44 -34.72 19.54
C LEU D 157 -37.56 -35.76 18.84
N GLN D 158 -37.11 -35.42 17.63
CA GLN D 158 -36.26 -36.29 16.85
C GLN D 158 -34.79 -36.02 17.15
N SER D 159 -33.95 -37.04 16.94
CA SER D 159 -32.52 -36.92 17.19
C SER D 159 -31.79 -37.97 16.37
N GLY D 160 -30.75 -37.53 15.65
CA GLY D 160 -29.92 -38.43 14.87
C GLY D 160 -30.34 -38.61 13.43
N ASN D 161 -31.52 -38.14 13.04
CA ASN D 161 -32.03 -38.32 11.68
C ASN D 161 -32.21 -36.99 10.96
N SER D 162 -31.34 -36.02 11.26
CA SER D 162 -31.42 -34.70 10.66
C SER D 162 -30.04 -34.07 10.59
N GLN D 163 -29.76 -33.38 9.49
CA GLN D 163 -28.50 -32.69 9.29
C GLN D 163 -28.79 -31.29 8.75
N GLU D 164 -27.84 -30.38 8.96
CA GLU D 164 -28.04 -28.98 8.60
C GLU D 164 -26.73 -28.37 8.10
N SER D 165 -26.86 -27.25 7.40
CA SER D 165 -25.72 -26.45 6.95
C SER D 165 -26.21 -25.02 6.73
N VAL D 166 -25.30 -24.06 6.91
N VAL D 166 -25.31 -24.06 6.95
CA VAL D 166 -25.60 -22.64 6.84
CA VAL D 166 -25.63 -22.66 6.81
C VAL D 166 -24.75 -22.01 5.75
C VAL D 166 -24.80 -22.10 5.66
N THR D 167 -25.31 -21.03 5.05
CA THR D 167 -24.61 -20.34 3.99
C THR D 167 -23.64 -19.31 4.56
N GLU D 168 -22.74 -18.85 3.71
CA GLU D 168 -21.83 -17.78 4.11
C GLU D 168 -22.59 -16.48 4.28
N GLN D 169 -21.93 -15.52 4.93
CA GLN D 169 -22.52 -14.20 5.08
C GLN D 169 -22.82 -13.62 3.71
N ASP D 170 -24.11 -13.36 3.47
CA ASP D 170 -24.56 -12.89 2.17
C ASP D 170 -23.82 -11.61 1.78
N SER D 171 -23.66 -11.42 0.47
N SER D 171 -23.66 -11.42 0.47
CA SER D 171 -22.90 -10.30 -0.05
CA SER D 171 -22.89 -10.30 -0.03
C SER D 171 -23.68 -8.99 -0.08
C SER D 171 -23.68 -9.00 -0.12
N LYS D 172 -24.99 -9.03 0.14
CA LYS D 172 -25.82 -7.83 0.07
C LYS D 172 -26.40 -7.43 1.42
N ASP D 173 -27.11 -8.33 2.11
CA ASP D 173 -27.75 -8.00 3.38
C ASP D 173 -26.99 -8.51 4.59
N SER D 174 -25.86 -9.20 4.39
CA SER D 174 -25.00 -9.65 5.48
C SER D 174 -25.74 -10.59 6.44
N THR D 175 -26.63 -11.41 5.89
CA THR D 175 -27.39 -12.36 6.67
C THR D 175 -27.06 -13.78 6.26
N TYR D 176 -27.42 -14.72 7.13
CA TYR D 176 -27.27 -16.14 6.88
C TYR D 176 -28.63 -16.78 6.66
N SER D 177 -28.61 -18.01 6.17
CA SER D 177 -29.80 -18.82 6.01
C SER D 177 -29.47 -20.25 6.42
N LEU D 178 -30.45 -20.94 7.00
CA LEU D 178 -30.24 -22.28 7.53
C LEU D 178 -31.26 -23.23 6.95
N SER D 179 -30.81 -24.44 6.58
N SER D 179 -30.81 -24.43 6.57
CA SER D 179 -31.67 -25.48 6.04
CA SER D 179 -31.66 -25.48 6.04
C SER D 179 -31.50 -26.75 6.85
C SER D 179 -31.49 -26.74 6.88
N SER D 180 -32.61 -27.36 7.24
CA SER D 180 -32.61 -28.60 7.99
C SER D 180 -33.42 -29.64 7.23
N THR D 181 -32.83 -30.82 7.04
CA THR D 181 -33.47 -31.91 6.32
C THR D 181 -33.84 -33.02 7.29
N LEU D 182 -34.98 -33.66 7.04
CA LEU D 182 -35.46 -34.79 7.83
C LEU D 182 -35.56 -35.99 6.90
N THR D 183 -34.46 -36.72 6.75
CA THR D 183 -34.40 -37.89 5.87
C THR D 183 -34.93 -39.11 6.62
N LEU D 184 -36.08 -39.60 6.20
CA LEU D 184 -36.70 -40.80 6.76
C LEU D 184 -36.90 -41.83 5.67
N SER D 185 -37.23 -43.05 6.11
CA SER D 185 -37.65 -44.08 5.17
C SER D 185 -39.13 -43.91 4.84
N LYS D 186 -39.56 -44.57 3.75
CA LYS D 186 -40.96 -44.51 3.37
C LYS D 186 -41.87 -45.10 4.45
N ALA D 187 -41.38 -46.11 5.18
CA ALA D 187 -42.20 -46.74 6.21
C ALA D 187 -42.36 -45.82 7.41
N ASP D 188 -41.30 -45.10 7.78
CA ASP D 188 -41.37 -44.22 8.94
C ASP D 188 -42.07 -42.90 8.64
N TYR D 189 -42.25 -42.56 7.36
CA TYR D 189 -42.99 -41.35 7.01
C TYR D 189 -44.49 -41.58 7.06
N GLU D 190 -44.96 -42.70 6.50
CA GLU D 190 -46.38 -43.00 6.51
C GLU D 190 -46.89 -43.40 7.90
N LYS D 191 -45.99 -43.74 8.81
CA LYS D 191 -46.37 -44.12 10.18
C LYS D 191 -46.76 -42.92 11.03
N HIS D 192 -46.59 -41.70 10.55
CA HIS D 192 -46.84 -40.51 11.34
C HIS D 192 -47.59 -39.48 10.51
N LYS D 193 -48.26 -38.57 11.20
CA LYS D 193 -49.20 -37.64 10.57
C LYS D 193 -48.69 -36.20 10.59
N VAL D 194 -48.38 -35.66 11.77
CA VAL D 194 -47.99 -34.27 11.91
C VAL D 194 -46.47 -34.17 12.06
N TYR D 195 -45.89 -33.17 11.40
CA TYR D 195 -44.45 -32.92 11.45
C TYR D 195 -44.23 -31.48 11.83
N ALA D 196 -43.53 -31.25 12.94
CA ALA D 196 -43.28 -29.91 13.46
C ALA D 196 -41.80 -29.60 13.36
N CYS D 197 -41.49 -28.39 12.88
CA CYS D 197 -40.12 -27.88 12.80
C CYS D 197 -40.04 -26.64 13.68
N GLU D 198 -39.41 -26.78 14.85
CA GLU D 198 -39.35 -25.70 15.83
C GLU D 198 -38.01 -24.97 15.73
N VAL D 199 -38.06 -23.65 15.82
CA VAL D 199 -36.90 -22.79 15.61
C VAL D 199 -36.80 -21.80 16.76
N THR D 200 -35.62 -21.71 17.38
CA THR D 200 -35.33 -20.69 18.38
C THR D 200 -34.16 -19.86 17.90
N HIS D 201 -34.36 -18.55 17.79
CA HIS D 201 -33.32 -17.64 17.35
C HIS D 201 -33.31 -16.40 18.23
N GLN D 202 -32.20 -15.67 18.20
CA GLN D 202 -32.04 -14.49 19.03
C GLN D 202 -33.10 -13.43 18.70
N GLY D 203 -33.42 -13.26 17.42
CA GLY D 203 -34.43 -12.31 17.00
C GLY D 203 -35.85 -12.79 17.14
N LEU D 204 -36.05 -14.07 17.46
CA LEU D 204 -37.39 -14.62 17.66
C LEU D 204 -37.80 -14.40 19.10
N SER D 205 -38.85 -13.58 19.30
CA SER D 205 -39.33 -13.31 20.65
C SER D 205 -39.77 -14.60 21.33
N SER D 206 -40.38 -15.50 20.57
CA SER D 206 -40.73 -16.83 21.03
C SER D 206 -40.45 -17.81 19.90
N PRO D 207 -40.18 -19.09 20.22
CA PRO D 207 -39.92 -20.06 19.16
C PRO D 207 -41.08 -20.19 18.18
N VAL D 208 -40.89 -19.77 16.94
CA VAL D 208 -41.93 -19.81 15.92
C VAL D 208 -41.87 -21.15 15.22
N THR D 209 -43.00 -21.86 15.17
CA THR D 209 -43.07 -23.20 14.63
C THR D 209 -44.05 -23.22 13.45
N LYS D 210 -43.64 -23.86 12.36
CA LYS D 210 -44.52 -24.13 11.22
C LYS D 210 -44.66 -25.64 11.08
N SER D 211 -45.88 -26.10 10.84
CA SER D 211 -46.15 -27.53 10.76
C SER D 211 -47.13 -27.82 9.64
N PHE D 212 -47.21 -29.09 9.27
CA PHE D 212 -48.15 -29.57 8.28
C PHE D 212 -48.64 -30.94 8.73
N ASN D 213 -49.37 -31.62 7.85
CA ASN D 213 -49.88 -32.95 8.14
C ASN D 213 -49.76 -33.81 6.89
N ARG D 214 -49.12 -34.98 7.03
CA ARG D 214 -48.98 -35.90 5.91
C ARG D 214 -50.34 -36.36 5.42
N GLY D 215 -50.50 -36.41 4.09
CA GLY D 215 -51.77 -36.78 3.50
C GLY D 215 -52.80 -35.68 3.50
N GLU D 216 -52.41 -34.44 3.80
CA GLU D 216 -53.33 -33.32 3.82
C GLU D 216 -52.74 -32.10 3.11
#